data_3VL1
#
_entry.id   3VL1
#
_cell.length_a   50.491
_cell.length_b   141.443
_cell.length_c   50.491
_cell.angle_alpha   90.00
_cell.angle_beta   95.67
_cell.angle_gamma   90.00
#
_symmetry.space_group_name_H-M   'P 1 21 1'
#
loop_
_entity.id
_entity.type
_entity.pdbx_description
1 polymer '26S proteasome regulatory subunit RPN14'
2 water water
#
_entity_poly.entity_id   1
_entity_poly.type   'polypeptide(L)'
_entity_poly.pdbx_seq_one_letter_code
;GSHMTKTITVAHIQYDFKAVLEENDENDDEFYINVDKNLNEIKEHKIVVLGNSRGVDAGKGNTFEKVGSHLYKARLDGHD
FLFNTIIRDGSKMLKRADYTAVDTAKLQMRRFILGTTEGDIKVLDSNFNLQREIDQAHVSEITKLKFFPSGEALISSSQD
MQLKIWSVKDGSNPRTLIGHRATVTDIAIIDRGRNVLSASLDGTIRLWECGTGTTIHTFNRKENPHDGVNSIALFVGTDR
QLHEISTSKKNNLEFGTYGKYVIAGHVSGVITVHNVFSKEQTIQLPSKFTCSCNSLTVDGNNANYIYAGYENGMLAQWDL
RSPECPVGEFLINEGTPINNVYFAAGALFVSSGFDTSIKLDIISDPESERPAIEFETPTFLVSNDDAVSQFCYVSDDESN
GEVLEVGKNNFCALYNLSNP
;
_entity_poly.pdbx_strand_id   A,B
#
# COMPACT_ATOMS: atom_id res chain seq x y z
N MET A 4 13.78 -29.11 -13.92
CA MET A 4 13.07 -27.86 -13.52
C MET A 4 13.93 -26.64 -13.78
N THR A 5 15.24 -26.79 -13.59
CA THR A 5 16.10 -25.64 -13.37
C THR A 5 16.21 -24.80 -14.63
N LYS A 6 16.02 -23.50 -14.49
CA LYS A 6 16.16 -22.60 -15.61
C LYS A 6 17.31 -21.64 -15.36
N THR A 7 17.80 -21.01 -16.41
CA THR A 7 18.82 -19.99 -16.26
C THR A 7 18.27 -18.62 -16.59
N ILE A 8 18.57 -17.66 -15.72
CA ILE A 8 18.31 -16.27 -16.02
C ILE A 8 19.57 -15.67 -16.63
N THR A 9 19.45 -15.21 -17.88
CA THR A 9 20.59 -14.63 -18.58
C THR A 9 20.79 -13.19 -18.17
N VAL A 10 21.99 -12.90 -17.67
CA VAL A 10 22.30 -11.61 -17.06
C VAL A 10 23.00 -10.73 -18.08
N ALA A 11 22.55 -9.49 -18.20
CA ALA A 11 23.22 -8.50 -19.05
C ALA A 11 23.63 -7.28 -18.24
N HIS A 12 24.72 -6.63 -18.67
CA HIS A 12 25.17 -5.36 -18.10
C HIS A 12 25.33 -4.35 -19.22
N ILE A 13 24.57 -3.27 -19.16
CA ILE A 13 24.72 -2.19 -20.11
C ILE A 13 25.73 -1.16 -19.63
N GLN A 14 26.56 -0.68 -20.54
CA GLN A 14 27.52 0.38 -20.22
CA GLN A 14 27.52 0.38 -20.22
C GLN A 14 26.80 1.54 -19.52
N TYR A 15 27.28 1.92 -18.34
CA TYR A 15 26.53 2.82 -17.46
C TYR A 15 26.14 4.14 -18.12
N ASP A 16 27.08 4.71 -18.87
CA ASP A 16 26.92 6.06 -19.40
C ASP A 16 26.42 6.02 -20.82
N PHE A 17 25.62 5.00 -21.16
CA PHE A 17 25.16 4.84 -22.54
C PHE A 17 24.34 6.02 -23.05
N LYS A 18 23.63 6.69 -22.16
CA LYS A 18 22.88 7.90 -22.54
C LYS A 18 23.80 9.05 -22.98
N ALA A 19 24.86 9.30 -22.22
CA ALA A 19 25.83 10.33 -22.62
C ALA A 19 26.47 9.99 -23.95
N VAL A 20 26.76 8.72 -24.17
CA VAL A 20 27.35 8.28 -25.43
C VAL A 20 26.42 8.61 -26.60
N LEU A 21 25.16 8.23 -26.46
CA LEU A 21 24.14 8.59 -27.46
C LEU A 21 24.13 10.08 -27.77
N GLU A 22 24.58 10.89 -26.81
CA GLU A 22 24.37 12.34 -26.89
C GLU A 22 25.53 13.14 -27.50
N GLU A 23 26.67 12.50 -27.76
CA GLU A 23 27.86 13.23 -28.20
C GLU A 23 27.77 13.63 -29.66
N ASN A 24 26.99 12.88 -30.45
CA ASN A 24 26.59 13.33 -31.79
C ASN A 24 27.73 13.89 -32.62
N ASP A 25 28.80 13.11 -32.81
CA ASP A 25 29.90 13.55 -33.66
CA ASP A 25 29.91 13.54 -33.65
C ASP A 25 30.21 12.56 -34.77
N GLU A 26 31.35 12.74 -35.42
CA GLU A 26 31.60 12.13 -36.73
C GLU A 26 32.17 10.72 -36.62
N ASN A 27 32.69 10.39 -35.45
CA ASN A 27 33.56 9.23 -35.30
C ASN A 27 32.83 8.05 -34.65
N ASP A 28 32.95 6.88 -35.26
CA ASP A 28 32.08 5.75 -34.93
CA ASP A 28 32.08 5.75 -34.93
C ASP A 28 32.19 5.36 -33.45
N ASP A 29 31.35 5.99 -32.63
CA ASP A 29 31.31 5.73 -31.20
C ASP A 29 30.38 4.55 -30.94
N GLU A 30 30.65 3.82 -29.86
CA GLU A 30 29.78 2.73 -29.47
C GLU A 30 29.60 2.70 -27.97
N PHE A 31 28.59 1.97 -27.51
CA PHE A 31 28.57 1.47 -26.15
C PHE A 31 28.32 -0.05 -26.14
N TYR A 32 28.64 -0.70 -25.03
CA TYR A 32 28.56 -2.16 -24.97
C TYR A 32 27.36 -2.60 -24.16
N ILE A 33 26.84 -3.76 -24.49
CA ILE A 33 26.04 -4.56 -23.57
C ILE A 33 26.70 -5.93 -23.43
N ASN A 34 27.11 -6.25 -22.20
CA ASN A 34 27.78 -7.53 -21.90
C ASN A 34 26.75 -8.52 -21.37
N VAL A 35 26.64 -9.65 -22.03
CA VAL A 35 25.75 -10.73 -21.60
C VAL A 35 26.58 -11.88 -21.06
N ASP A 36 26.26 -12.33 -19.84
CA ASP A 36 27.06 -13.36 -19.16
C ASP A 36 26.59 -14.75 -19.59
N LYS A 37 27.51 -15.56 -20.12
CA LYS A 37 27.21 -16.96 -20.32
C LYS A 37 27.44 -17.76 -19.05
N ASN A 38 28.70 -17.79 -18.61
CA ASN A 38 29.06 -18.50 -17.38
C ASN A 38 30.21 -17.77 -16.71
N LEU A 39 30.88 -18.47 -15.79
CA LEU A 39 31.97 -17.87 -15.03
C LEU A 39 33.14 -17.49 -15.93
N ASN A 40 33.04 -17.87 -17.20
CA ASN A 40 34.19 -17.84 -18.09
C ASN A 40 33.89 -17.23 -19.46
N GLU A 41 32.67 -16.73 -19.67
CA GLU A 41 32.33 -16.19 -20.98
C GLU A 41 31.37 -15.01 -20.93
N ILE A 42 31.82 -13.89 -21.48
CA ILE A 42 31.00 -12.70 -21.63
C ILE A 42 30.80 -12.39 -23.12
N LYS A 43 29.55 -12.33 -23.54
CA LYS A 43 29.24 -11.92 -24.91
C LYS A 43 29.13 -10.40 -24.99
N GLU A 44 30.13 -9.77 -25.59
CA GLU A 44 30.18 -8.31 -25.68
CA GLU A 44 30.18 -8.32 -25.68
C GLU A 44 29.47 -7.84 -26.94
N HIS A 45 28.35 -7.15 -26.77
CA HIS A 45 27.62 -6.61 -27.90
C HIS A 45 27.96 -5.13 -28.07
N LYS A 46 28.51 -4.79 -29.22
CA LYS A 46 28.80 -3.40 -29.56
C LYS A 46 27.57 -2.82 -30.20
N ILE A 47 26.91 -1.91 -29.48
CA ILE A 47 25.80 -1.18 -30.06
C ILE A 47 26.36 0.09 -30.68
N VAL A 48 26.28 0.17 -32.00
CA VAL A 48 26.73 1.36 -32.71
C VAL A 48 25.60 2.38 -32.85
N VAL A 49 25.88 3.60 -32.40
CA VAL A 49 24.90 4.68 -32.48
C VAL A 49 24.90 5.26 -33.89
N LEU A 50 24.33 4.52 -34.85
CA LEU A 50 24.72 4.65 -36.25
C LEU A 50 23.76 5.51 -37.07
N GLY A 51 22.47 5.38 -36.81
CA GLY A 51 21.63 6.54 -36.62
C GLY A 51 22.40 7.61 -35.86
N ASN A 52 23.58 7.95 -36.36
CA ASN A 52 24.65 8.51 -35.53
C ASN A 52 24.27 9.86 -34.91
N SER A 53 23.16 9.86 -34.19
CA SER A 53 23.10 10.49 -32.89
C SER A 53 22.22 9.68 -31.93
N ARG A 54 21.29 8.92 -32.49
CA ARG A 54 20.34 8.17 -31.68
C ARG A 54 19.52 7.14 -32.47
N GLY A 55 19.96 6.84 -33.68
CA GLY A 55 19.72 5.52 -34.27
C GLY A 55 20.85 4.57 -33.94
N VAL A 56 20.61 3.27 -34.08
CA VAL A 56 21.35 2.26 -33.31
C VAL A 56 21.60 0.98 -34.09
N ASP A 57 22.87 0.60 -34.22
CA ASP A 57 23.26 -0.63 -34.91
C ASP A 57 23.61 -1.72 -33.90
N ALA A 58 22.65 -2.60 -33.61
CA ALA A 58 22.84 -3.67 -32.62
C ALA A 58 23.37 -4.95 -33.25
N GLY A 59 23.56 -4.92 -34.58
CA GLY A 59 24.05 -6.08 -35.30
C GLY A 59 22.94 -6.93 -35.85
N LYS A 60 23.30 -7.93 -36.63
CA LYS A 60 22.34 -8.81 -37.30
C LYS A 60 21.36 -9.41 -36.31
N GLY A 61 20.06 -9.23 -36.58
CA GLY A 61 19.02 -9.93 -35.84
C GLY A 61 18.87 -9.46 -34.40
N ASN A 62 19.57 -8.38 -34.05
CA ASN A 62 19.48 -7.80 -32.71
C ASN A 62 18.81 -6.43 -32.74
N THR A 63 18.24 -6.02 -31.60
CA THR A 63 17.58 -4.72 -31.49
C THR A 63 17.88 -3.99 -30.18
N PHE A 64 18.02 -2.68 -30.25
CA PHE A 64 18.01 -1.83 -29.07
C PHE A 64 17.13 -0.61 -29.30
N GLU A 65 16.24 -0.33 -28.36
CA GLU A 65 15.28 0.76 -28.50
C GLU A 65 14.88 1.32 -27.15
N LYS A 66 14.66 2.64 -27.10
CA LYS A 66 14.04 3.26 -25.93
C LYS A 66 12.54 3.00 -25.92
N VAL A 67 12.00 2.63 -24.77
CA VAL A 67 10.58 2.26 -24.68
C VAL A 67 9.80 3.07 -23.65
N GLY A 68 10.52 3.73 -22.76
CA GLY A 68 9.93 4.76 -21.89
C GLY A 68 10.98 5.76 -21.45
N SER A 69 10.57 6.71 -20.62
CA SER A 69 11.47 7.75 -20.12
C SER A 69 12.79 7.18 -19.59
N HIS A 70 12.68 6.21 -18.69
CA HIS A 70 13.88 5.62 -18.10
C HIS A 70 13.99 4.11 -18.36
N LEU A 71 13.60 3.71 -19.57
CA LEU A 71 13.46 2.29 -19.89
C LEU A 71 13.86 1.97 -21.33
N TYR A 72 14.77 1.00 -21.49
CA TYR A 72 15.27 0.61 -22.80
C TYR A 72 15.18 -0.91 -22.96
N LYS A 73 15.04 -1.35 -24.20
CA LYS A 73 14.81 -2.77 -24.49
C LYS A 73 15.82 -3.31 -25.49
N ALA A 74 16.34 -4.52 -25.25
CA ALA A 74 17.25 -5.16 -26.18
C ALA A 74 16.87 -6.61 -26.46
N ARG A 75 17.07 -7.05 -27.70
CA ARG A 75 17.15 -8.46 -28.02
C ARG A 75 18.52 -8.75 -28.60
N LEU A 76 19.23 -9.66 -27.96
CA LEU A 76 20.58 -10.01 -28.36
C LEU A 76 20.70 -11.51 -28.35
N ASP A 77 20.99 -12.08 -29.52
CA ASP A 77 21.28 -13.51 -29.63
C ASP A 77 20.16 -14.37 -29.01
N GLY A 78 18.92 -14.02 -29.32
CA GLY A 78 17.77 -14.85 -28.97
C GLY A 78 17.24 -14.62 -27.57
N HIS A 79 17.88 -13.72 -26.82
CA HIS A 79 17.47 -13.41 -25.45
C HIS A 79 16.97 -11.97 -25.34
N ASP A 80 16.04 -11.75 -24.41
CA ASP A 80 15.44 -10.41 -24.21
C ASP A 80 15.91 -9.74 -22.92
N PHE A 81 16.14 -8.43 -22.97
CA PHE A 81 16.64 -7.67 -21.83
C PHE A 81 15.96 -6.29 -21.70
N LEU A 82 15.62 -5.90 -20.49
CA LEU A 82 15.13 -4.56 -20.20
C LEU A 82 16.11 -3.82 -19.29
N PHE A 83 16.31 -2.53 -19.55
CA PHE A 83 17.22 -1.73 -18.75
C PHE A 83 16.51 -0.50 -18.18
N ASN A 84 16.50 -0.40 -16.85
CA ASN A 84 15.80 0.65 -16.13
C ASN A 84 16.86 1.56 -15.52
N THR A 85 16.81 2.85 -15.86
CA THR A 85 17.86 3.79 -15.45
C THR A 85 17.44 4.65 -14.26
N ILE A 86 18.43 5.12 -13.52
CA ILE A 86 18.21 5.84 -12.26
C ILE A 86 17.37 7.10 -12.52
N ILE A 87 16.33 7.30 -11.73
CA ILE A 87 15.56 8.55 -11.82
C ILE A 87 16.05 9.60 -10.83
N ARG A 88 16.70 9.15 -9.77
CA ARG A 88 17.22 10.05 -8.75
C ARG A 88 18.41 9.39 -8.06
N ASP A 89 19.54 10.09 -8.12
CA ASP A 89 20.72 9.70 -7.36
C ASP A 89 20.64 10.23 -5.93
N GLY A 90 20.15 9.39 -5.01
CA GLY A 90 19.88 9.83 -3.64
C GLY A 90 21.16 10.17 -2.90
N SER A 91 22.29 9.70 -3.44
CA SER A 91 23.59 9.89 -2.82
C SER A 91 24.24 11.22 -3.18
N LYS A 92 23.65 11.95 -4.13
CA LYS A 92 24.32 13.06 -4.79
C LYS A 92 24.91 14.06 -3.81
N MET A 93 24.18 14.38 -2.75
CA MET A 93 24.64 15.36 -1.79
C MET A 93 24.98 14.77 -0.43
N LEU A 94 25.06 13.45 -0.38
CA LEU A 94 25.43 12.76 0.86
C LEU A 94 26.94 12.69 0.98
N LYS A 95 27.44 12.91 2.19
CA LYS A 95 28.85 12.68 2.48
C LYS A 95 29.18 11.20 2.27
N ARG A 96 30.42 10.92 1.90
N ARG A 96 30.42 10.92 1.88
CA ARG A 96 30.81 9.57 1.52
CA ARG A 96 30.82 9.56 1.54
C ARG A 96 30.65 8.56 2.65
C ARG A 96 30.59 8.58 2.69
N ALA A 97 29.98 7.45 2.36
CA ALA A 97 29.89 6.32 3.27
C ALA A 97 29.62 5.06 2.48
N ASP A 98 29.86 3.91 3.08
CA ASP A 98 29.41 2.63 2.54
C ASP A 98 28.09 2.20 3.19
N TYR A 99 27.02 2.15 2.41
CA TYR A 99 25.70 1.82 2.96
C TYR A 99 25.41 0.33 2.98
N THR A 100 24.93 -0.13 4.13
CA THR A 100 24.68 -1.54 4.34
C THR A 100 23.22 -1.82 4.67
N ALA A 101 22.45 -0.75 4.85
CA ALA A 101 21.06 -0.93 5.30
C ALA A 101 20.24 0.29 4.93
N VAL A 102 18.94 0.08 4.73
CA VAL A 102 18.03 1.16 4.33
C VAL A 102 16.60 0.81 4.70
N ASP A 103 15.82 1.83 5.05
CA ASP A 103 14.38 1.66 5.07
C ASP A 103 13.73 3.01 4.82
N THR A 104 12.41 2.99 4.65
CA THR A 104 11.65 4.21 4.42
C THR A 104 10.36 4.20 5.22
N ALA A 105 9.82 5.38 5.48
CA ALA A 105 8.52 5.51 6.13
C ALA A 105 7.79 6.66 5.48
N LYS A 106 6.48 6.60 5.52
CA LYS A 106 5.65 7.56 4.83
C LYS A 106 5.05 8.51 5.84
N LEU A 107 4.81 8.01 7.05
CA LEU A 107 3.68 8.50 7.82
C LEU A 107 3.78 9.96 8.20
N GLN A 108 4.42 10.24 9.33
CA GLN A 108 4.47 11.63 9.73
C GLN A 108 4.92 12.44 8.50
N MET A 109 6.12 12.13 8.00
CA MET A 109 6.57 12.66 6.71
C MET A 109 7.43 11.60 6.02
N ARG A 110 7.58 11.69 4.71
CA ARG A 110 8.47 10.74 4.03
C ARG A 110 9.91 10.89 4.50
N ARG A 111 10.46 9.78 4.97
CA ARG A 111 11.86 9.76 5.40
C ARG A 111 12.53 8.51 4.87
N PHE A 112 13.86 8.58 4.76
CA PHE A 112 14.69 7.42 4.52
C PHE A 112 15.71 7.33 5.63
N ILE A 113 16.06 6.10 6.04
CA ILE A 113 17.17 5.91 6.93
C ILE A 113 18.21 5.00 6.26
N LEU A 114 19.48 5.38 6.41
CA LEU A 114 20.59 4.61 5.86
CA LEU A 114 20.58 4.59 5.86
C LEU A 114 21.54 4.24 7.00
N GLY A 115 22.06 3.02 6.97
CA GLY A 115 23.08 2.63 7.91
C GLY A 115 24.38 2.33 7.17
N THR A 116 25.50 2.45 7.89
CA THR A 116 26.80 2.38 7.24
C THR A 116 27.68 1.33 7.88
N THR A 117 28.78 1.04 7.18
CA THR A 117 29.78 0.09 7.66
CA THR A 117 29.75 0.07 7.69
C THR A 117 30.48 0.56 8.93
N GLU A 118 30.32 1.84 9.24
CA GLU A 118 31.03 2.43 10.38
C GLU A 118 30.11 2.61 11.61
N GLY A 119 28.86 2.16 11.48
CA GLY A 119 27.92 2.19 12.60
C GLY A 119 27.10 3.47 12.69
N ASP A 120 27.06 4.23 11.60
CA ASP A 120 26.33 5.50 11.60
C ASP A 120 24.92 5.30 11.02
N ILE A 121 23.96 6.07 11.49
CA ILE A 121 22.66 6.10 10.84
C ILE A 121 22.39 7.50 10.31
N LYS A 122 21.95 7.59 9.05
CA LYS A 122 21.57 8.87 8.47
C LYS A 122 20.06 8.91 8.30
N VAL A 123 19.43 9.98 8.77
CA VAL A 123 18.00 10.19 8.55
C VAL A 123 17.80 11.26 7.48
N LEU A 124 17.16 10.87 6.38
CA LEU A 124 16.97 11.77 5.24
C LEU A 124 15.51 12.11 5.05
N ASP A 125 15.26 13.28 4.49
CA ASP A 125 13.92 13.62 4.04
C ASP A 125 13.62 13.16 2.61
N SER A 126 12.51 13.67 2.08
CA SER A 126 11.96 13.20 0.83
CA SER A 126 11.96 13.20 0.83
C SER A 126 12.81 13.64 -0.36
N ASN A 127 13.66 14.64 -0.14
CA ASN A 127 14.61 15.11 -1.15
C ASN A 127 15.98 14.44 -0.99
N PHE A 128 16.06 13.47 -0.09
CA PHE A 128 17.32 12.79 0.25
C PHE A 128 18.35 13.70 0.91
N ASN A 129 17.86 14.78 1.51
CA ASN A 129 18.72 15.66 2.29
C ASN A 129 18.83 15.23 3.76
N LEU A 130 20.01 15.41 4.34
CA LEU A 130 20.26 14.92 5.68
C LEU A 130 19.52 15.77 6.71
N GLN A 131 18.67 15.13 7.51
CA GLN A 131 17.97 15.78 8.61
C GLN A 131 18.71 15.56 9.93
N ARG A 132 19.24 14.36 10.10
CA ARG A 132 19.91 14.00 11.34
C ARG A 132 20.89 12.90 11.00
N GLU A 133 22.13 13.04 11.47
CA GLU A 133 23.05 11.91 11.47
C GLU A 133 23.28 11.44 12.90
N ILE A 134 23.08 10.14 13.12
CA ILE A 134 23.43 9.52 14.39
C ILE A 134 24.79 8.86 14.25
N ASP A 135 25.83 9.59 14.63
CA ASP A 135 27.19 9.10 14.53
C ASP A 135 27.44 8.06 15.61
N GLN A 136 28.08 6.96 15.24
CA GLN A 136 28.34 5.89 16.20
CA GLN A 136 28.34 5.89 16.19
C GLN A 136 27.06 5.45 16.90
N ALA A 137 26.00 5.27 16.12
CA ALA A 137 24.78 4.64 16.64
C ALA A 137 25.15 3.25 17.18
N HIS A 138 26.01 2.56 16.44
CA HIS A 138 26.66 1.34 16.93
C HIS A 138 28.17 1.46 16.75
N VAL A 139 28.91 0.56 17.39
CA VAL A 139 30.37 0.56 17.34
C VAL A 139 30.87 0.04 16.00
N SER A 140 29.98 -0.65 15.28
CA SER A 140 30.35 -1.50 14.15
CA SER A 140 30.35 -1.49 14.15
C SER A 140 29.22 -1.51 13.13
N GLU A 141 29.48 -2.10 11.96
CA GLU A 141 28.57 -2.07 10.82
C GLU A 141 27.11 -2.27 11.19
N ILE A 142 26.26 -1.41 10.65
CA ILE A 142 24.80 -1.57 10.71
C ILE A 142 24.35 -2.61 9.68
N THR A 143 23.80 -3.72 10.16
CA THR A 143 23.39 -4.80 9.28
C THR A 143 21.95 -4.68 8.77
N LYS A 144 21.12 -3.96 9.51
CA LYS A 144 19.72 -3.86 9.17
C LYS A 144 19.12 -2.64 9.86
N LEU A 145 18.16 -2.03 9.18
CA LEU A 145 17.38 -0.91 9.73
C LEU A 145 15.93 -1.14 9.36
N LYS A 146 15.05 -0.98 10.32
CA LYS A 146 13.61 -0.95 10.02
C LYS A 146 12.95 0.24 10.73
N PHE A 147 12.10 0.96 10.00
CA PHE A 147 11.11 1.85 10.64
C PHE A 147 10.00 1.02 11.26
N PHE A 148 9.59 1.40 12.47
CA PHE A 148 8.31 0.93 12.98
C PHE A 148 7.21 1.56 12.14
N PRO A 149 6.05 0.90 12.04
CA PRO A 149 4.92 1.37 11.23
C PRO A 149 4.52 2.83 11.50
N SER A 150 4.75 3.31 12.72
CA SER A 150 4.41 4.69 13.07
C SER A 150 5.28 5.70 12.32
N GLY A 151 6.48 5.28 11.94
CA GLY A 151 7.46 6.19 11.36
C GLY A 151 8.12 7.09 12.40
N GLU A 152 7.76 6.89 13.67
CA GLU A 152 8.26 7.74 14.76
C GLU A 152 9.50 7.13 15.43
N ALA A 153 9.73 5.85 15.16
CA ALA A 153 10.86 5.17 15.76
C ALA A 153 11.46 4.24 14.73
N LEU A 154 12.72 3.87 14.94
CA LEU A 154 13.34 2.89 14.09
C LEU A 154 14.18 1.94 14.94
N ILE A 155 14.55 0.80 14.37
CA ILE A 155 15.38 -0.15 15.10
C ILE A 155 16.54 -0.53 14.20
N SER A 156 17.72 -0.65 14.81
CA SER A 156 18.94 -0.94 14.07
C SER A 156 19.57 -2.20 14.66
N SER A 157 20.27 -2.97 13.82
CA SER A 157 21.04 -4.11 14.29
C SER A 157 22.48 -3.98 13.79
N SER A 158 23.40 -4.58 14.51
CA SER A 158 24.82 -4.35 14.24
C SER A 158 25.67 -5.61 14.40
N GLN A 159 26.83 -5.60 13.77
CA GLN A 159 27.90 -6.55 14.10
C GLN A 159 28.33 -6.46 15.56
N ASP A 160 27.98 -5.38 16.25
CA ASP A 160 28.28 -5.25 17.67
C ASP A 160 27.39 -6.11 18.56
N MET A 161 26.51 -6.90 17.94
CA MET A 161 25.73 -7.92 18.63
C MET A 161 24.47 -7.38 19.30
N GLN A 162 24.19 -6.09 19.10
CA GLN A 162 23.07 -5.43 19.76
C GLN A 162 22.04 -4.94 18.75
N LEU A 163 20.81 -4.71 19.22
CA LEU A 163 19.88 -3.84 18.52
C LEU A 163 19.56 -2.62 19.37
N LYS A 164 19.21 -1.54 18.70
CA LYS A 164 18.89 -0.30 19.39
CA LYS A 164 18.91 -0.29 19.38
C LYS A 164 17.65 0.31 18.77
N ILE A 165 16.79 0.88 19.62
CA ILE A 165 15.61 1.58 19.15
C ILE A 165 15.87 3.07 19.27
N TRP A 166 15.52 3.81 18.22
CA TRP A 166 15.81 5.24 18.16
C TRP A 166 14.53 6.01 17.94
N SER A 167 14.44 7.15 18.60
CA SER A 167 13.38 8.10 18.32
C SER A 167 13.77 9.01 17.17
N VAL A 168 12.88 9.16 16.19
CA VAL A 168 13.13 10.10 15.10
C VAL A 168 13.07 11.55 15.57
N LYS A 169 12.19 11.83 16.53
CA LYS A 169 12.00 13.20 17.01
C LYS A 169 13.30 13.83 17.49
N ASP A 170 14.06 13.10 18.30
CA ASP A 170 15.17 13.70 19.02
C ASP A 170 16.47 12.89 18.95
N GLY A 171 16.45 11.82 18.16
CA GLY A 171 17.64 10.98 17.99
C GLY A 171 18.02 10.20 19.23
N SER A 172 17.12 10.16 20.21
CA SER A 172 17.42 9.49 21.46
C SER A 172 17.38 7.97 21.30
N ASN A 173 17.96 7.27 22.27
CA ASN A 173 18.06 5.82 22.20
C ASN A 173 17.44 5.19 23.44
N PRO A 174 16.10 5.10 23.47
CA PRO A 174 15.42 4.69 24.69
C PRO A 174 15.56 3.21 25.02
N ARG A 175 15.83 2.37 24.02
CA ARG A 175 16.02 0.95 24.28
C ARG A 175 17.23 0.36 23.57
N THR A 176 17.94 -0.51 24.28
CA THR A 176 19.01 -1.30 23.69
C THR A 176 18.76 -2.77 24.01
N LEU A 177 18.73 -3.61 22.97
CA LEU A 177 18.42 -5.03 23.12
C LEU A 177 19.71 -5.83 23.11
N ILE A 178 20.06 -6.36 24.28
CA ILE A 178 21.34 -7.01 24.50
C ILE A 178 21.10 -8.48 24.81
N GLY A 179 21.82 -9.37 24.12
CA GLY A 179 21.74 -10.80 24.40
C GLY A 179 22.33 -11.72 23.36
N HIS A 180 22.30 -11.31 22.09
CA HIS A 180 22.96 -12.06 21.03
C HIS A 180 24.46 -12.20 21.28
N ARG A 181 25.02 -13.30 20.82
CA ARG A 181 26.43 -13.60 21.08
C ARG A 181 27.25 -13.54 19.79
N ALA A 182 26.63 -13.08 18.71
CA ALA A 182 27.36 -12.78 17.49
C ALA A 182 26.60 -11.70 16.70
N THR A 183 27.14 -11.32 15.56
CA THR A 183 26.47 -10.38 14.67
C THR A 183 24.95 -10.62 14.56
N VAL A 184 24.20 -9.54 14.72
CA VAL A 184 22.78 -9.57 14.43
C VAL A 184 22.62 -9.24 12.94
N THR A 185 21.90 -10.09 12.22
CA THR A 185 21.88 -10.07 10.77
C THR A 185 20.54 -9.60 10.19
N ASP A 186 19.48 -9.70 10.98
CA ASP A 186 18.15 -9.30 10.46
C ASP A 186 17.17 -8.95 11.57
N ILE A 187 16.09 -8.30 11.17
CA ILE A 187 15.07 -7.80 12.09
C ILE A 187 13.71 -8.00 11.43
N ALA A 188 12.72 -8.38 12.23
CA ALA A 188 11.34 -8.34 11.78
C ALA A 188 10.47 -7.71 12.86
N ILE A 189 9.55 -6.84 12.44
CA ILE A 189 8.71 -6.13 13.36
C ILE A 189 7.35 -6.82 13.36
N ILE A 190 6.85 -7.12 14.55
CA ILE A 190 5.55 -7.78 14.67
C ILE A 190 4.44 -6.75 14.88
N ASP A 191 3.51 -6.67 13.94
CA ASP A 191 2.38 -5.72 14.04
C ASP A 191 2.92 -4.30 14.25
N ARG A 192 2.50 -3.64 15.32
CA ARG A 192 2.95 -2.26 15.56
C ARG A 192 4.34 -2.21 16.19
N GLY A 193 4.85 -3.36 16.63
CA GLY A 193 6.24 -3.42 17.03
C GLY A 193 6.45 -3.47 18.53
N ARG A 194 5.38 -3.69 19.31
CA ARG A 194 5.57 -3.99 20.72
C ARG A 194 6.45 -5.23 20.96
N ASN A 195 6.39 -6.18 20.05
CA ASN A 195 7.42 -7.24 19.94
C ASN A 195 8.18 -7.09 18.64
N VAL A 196 9.46 -7.46 18.67
CA VAL A 196 10.26 -7.57 17.44
C VAL A 196 11.06 -8.86 17.50
N LEU A 197 11.47 -9.33 16.33
CA LEU A 197 12.35 -10.51 16.24
C LEU A 197 13.68 -10.09 15.65
N SER A 198 14.74 -10.75 16.13
CA SER A 198 16.06 -10.53 15.57
C SER A 198 16.68 -11.88 15.23
N ALA A 199 17.58 -11.87 14.27
CA ALA A 199 18.29 -13.10 13.89
C ALA A 199 19.79 -12.86 14.01
N SER A 200 20.55 -13.92 14.25
CA SER A 200 21.98 -13.74 14.49
C SER A 200 22.78 -14.92 13.95
N LEU A 201 24.03 -14.62 13.58
CA LEU A 201 25.01 -15.70 13.28
C LEU A 201 25.30 -16.59 14.47
N ASP A 202 24.79 -16.24 15.65
CA ASP A 202 24.91 -17.12 16.82
C ASP A 202 23.97 -18.32 16.76
N GLY A 203 23.13 -18.36 15.73
CA GLY A 203 22.25 -19.50 15.49
C GLY A 203 20.82 -19.30 15.95
N THR A 204 20.54 -18.12 16.51
CA THR A 204 19.26 -17.94 17.16
C THR A 204 18.42 -16.83 16.56
N ILE A 205 17.13 -16.97 16.80
CA ILE A 205 16.21 -15.88 16.57
C ILE A 205 15.60 -15.51 17.92
N ARG A 206 15.67 -14.23 18.29
CA ARG A 206 15.19 -13.81 19.60
C ARG A 206 13.91 -13.03 19.40
N LEU A 207 12.92 -13.33 20.22
CA LEU A 207 11.67 -12.55 20.27
C LEU A 207 11.77 -11.60 21.45
N TRP A 208 11.70 -10.30 21.18
CA TRP A 208 11.91 -9.29 22.21
C TRP A 208 10.58 -8.64 22.55
N GLU A 209 10.45 -8.18 23.78
CA GLU A 209 9.43 -7.16 24.11
C GLU A 209 10.08 -5.81 24.31
N CYS A 210 9.61 -4.80 23.58
CA CYS A 210 10.32 -3.52 23.54
C CYS A 210 10.01 -2.66 24.76
N GLY A 211 8.97 -3.02 25.51
CA GLY A 211 8.59 -2.27 26.69
C GLY A 211 9.72 -2.26 27.69
N THR A 212 10.31 -3.42 27.93
CA THR A 212 11.36 -3.54 28.93
C THR A 212 12.68 -3.96 28.29
N GLY A 213 12.61 -4.36 27.03
CA GLY A 213 13.81 -4.65 26.24
C GLY A 213 14.37 -6.03 26.50
N THR A 214 13.55 -6.93 27.01
CA THR A 214 13.98 -8.28 27.31
C THR A 214 13.64 -9.25 26.19
N THR A 215 14.40 -10.34 26.12
CA THR A 215 14.05 -11.45 25.26
C THR A 215 13.04 -12.33 25.99
N ILE A 216 11.96 -12.65 25.32
CA ILE A 216 10.96 -13.50 25.92
C ILE A 216 10.96 -14.92 25.36
N HIS A 217 11.59 -15.11 24.20
CA HIS A 217 11.79 -16.45 23.69
C HIS A 217 12.98 -16.48 22.75
N THR A 218 13.68 -17.61 22.73
CA THR A 218 14.73 -17.82 21.74
C THR A 218 14.37 -19.06 20.91
N PHE A 219 14.39 -18.89 19.59
CA PHE A 219 14.15 -19.98 18.64
C PHE A 219 15.49 -20.45 18.06
N ASN A 220 15.63 -21.77 17.90
CA ASN A 220 16.76 -22.30 17.12
C ASN A 220 16.46 -23.69 16.55
N ARG A 221 17.36 -24.20 15.71
CA ARG A 221 17.23 -25.57 15.23
C ARG A 221 17.66 -26.51 16.35
N LYS A 222 16.80 -27.46 16.71
CA LYS A 222 17.00 -28.22 17.93
C LYS A 222 18.27 -29.08 17.85
N GLU A 223 18.57 -29.59 16.67
CA GLU A 223 19.74 -30.46 16.49
CA GLU A 223 19.73 -30.45 16.49
C GLU A 223 20.92 -29.68 15.92
N ASN A 224 20.69 -28.42 15.62
CA ASN A 224 21.74 -27.55 15.07
C ASN A 224 21.72 -26.17 15.69
N PRO A 225 21.89 -26.09 17.03
CA PRO A 225 21.69 -24.81 17.72
C PRO A 225 22.59 -23.67 17.22
N HIS A 226 23.77 -23.99 16.69
CA HIS A 226 24.70 -22.93 16.31
C HIS A 226 24.78 -22.68 14.80
N ASP A 227 23.78 -23.19 14.08
CA ASP A 227 23.62 -22.93 12.66
C ASP A 227 23.14 -21.50 12.39
N GLY A 228 24.07 -20.62 11.96
CA GLY A 228 23.80 -19.19 11.90
C GLY A 228 22.58 -18.84 11.07
N VAL A 229 21.91 -17.75 11.44
CA VAL A 229 20.81 -17.24 10.63
C VAL A 229 21.20 -15.98 9.88
N ASN A 230 21.01 -15.99 8.56
CA ASN A 230 21.34 -14.85 7.70
C ASN A 230 20.19 -13.90 7.47
N SER A 231 18.96 -14.42 7.58
CA SER A 231 17.80 -13.71 7.02
C SER A 231 16.55 -14.28 7.64
N ILE A 232 15.61 -13.38 7.98
CA ILE A 232 14.31 -13.83 8.44
C ILE A 232 13.21 -13.06 7.76
N ALA A 233 12.02 -13.64 7.72
CA ALA A 233 10.82 -12.89 7.29
C ALA A 233 9.65 -13.30 8.16
N LEU A 234 8.76 -12.35 8.44
CA LEU A 234 7.63 -12.60 9.29
C LEU A 234 6.41 -12.60 8.39
N PHE A 235 5.51 -13.55 8.59
CA PHE A 235 4.29 -13.59 7.82
C PHE A 235 3.12 -14.09 8.62
N VAL A 236 1.92 -13.74 8.17
CA VAL A 236 0.72 -14.35 8.73
C VAL A 236 0.41 -15.66 8.05
N GLY A 237 0.31 -16.71 8.84
CA GLY A 237 0.10 -18.05 8.32
C GLY A 237 -1.21 -18.17 7.56
N THR A 238 -1.19 -18.92 6.47
CA THR A 238 -2.41 -19.39 5.85
C THR A 238 -2.87 -20.67 6.55
N ASP A 239 -4.12 -20.70 6.98
CA ASP A 239 -4.68 -21.99 7.43
C ASP A 239 -6.20 -22.10 7.29
N ARG A 240 -6.74 -23.21 7.77
CA ARG A 240 -8.16 -23.51 7.55
C ARG A 240 -9.09 -22.85 8.56
N GLN A 241 -8.50 -22.21 9.58
CA GLN A 241 -9.28 -21.52 10.62
C GLN A 241 -9.19 -20.00 10.43
N LEU A 242 -10.21 -19.29 10.89
CA LEU A 242 -10.19 -17.83 10.92
C LEU A 242 -9.53 -17.33 12.20
N HIS A 243 -8.34 -16.74 12.06
CA HIS A 243 -7.60 -16.23 13.21
C HIS A 243 -8.41 -15.16 13.93
N GLU A 244 -9.25 -14.46 13.18
CA GLU A 244 -9.99 -13.31 13.69
C GLU A 244 -10.90 -13.68 14.85
N ILE A 245 -11.45 -14.88 14.81
CA ILE A 245 -12.40 -15.32 15.84
C ILE A 245 -11.78 -16.26 16.86
N SER A 246 -10.44 -16.28 16.92
CA SER A 246 -9.74 -17.06 17.93
C SER A 246 -10.08 -16.65 19.36
N THR A 247 -10.16 -17.63 20.24
CA THR A 247 -10.29 -17.42 21.67
C THR A 247 -9.01 -17.76 22.44
N SER A 248 -7.88 -17.74 21.76
CA SER A 248 -6.60 -17.94 22.43
C SER A 248 -6.37 -16.82 23.45
N LYS A 249 -5.85 -17.19 24.62
CA LYS A 249 -5.36 -16.22 25.59
C LYS A 249 -4.06 -15.57 25.11
N LYS A 250 -3.70 -14.45 25.73
CA LYS A 250 -2.45 -13.78 25.43
C LYS A 250 -1.30 -14.46 26.17
N ASN A 251 -0.18 -14.65 25.49
CA ASN A 251 1.08 -14.96 26.17
C ASN A 251 1.60 -13.71 26.86
N ASN A 252 2.20 -13.88 28.02
CA ASN A 252 2.77 -12.75 28.75
C ASN A 252 3.77 -11.99 27.89
N LEU A 253 3.60 -10.66 27.85
CA LEU A 253 4.49 -9.76 27.13
C LEU A 253 4.51 -9.99 25.63
N GLU A 254 3.54 -10.72 25.12
CA GLU A 254 3.37 -10.89 23.68
C GLU A 254 2.20 -10.11 23.12
N PHE A 255 2.45 -9.44 22.00
CA PHE A 255 1.45 -8.56 21.39
C PHE A 255 1.34 -8.88 19.92
N GLY A 256 0.27 -9.55 19.53
CA GLY A 256 0.02 -9.84 18.12
C GLY A 256 0.81 -11.01 17.53
N THR A 257 1.28 -11.89 18.39
CA THR A 257 2.03 -13.06 17.93
CA THR A 257 2.03 -13.06 17.94
C THR A 257 1.15 -14.16 17.35
N TYR A 258 -0.12 -14.22 17.80
CA TYR A 258 -1.03 -15.24 17.34
C TYR A 258 -1.21 -15.19 15.84
N GLY A 259 -0.88 -16.29 15.16
CA GLY A 259 -1.04 -16.39 13.73
C GLY A 259 0.22 -16.03 12.95
N LYS A 260 1.24 -15.52 13.64
CA LYS A 260 2.51 -15.13 12.98
C LYS A 260 3.47 -16.31 12.91
N TYR A 261 4.21 -16.35 11.83
CA TYR A 261 5.32 -17.31 11.65
C TYR A 261 6.58 -16.55 11.27
N VAL A 262 7.74 -17.07 11.69
CA VAL A 262 8.97 -16.49 11.23
C VAL A 262 9.72 -17.55 10.44
N ILE A 263 10.15 -17.18 9.24
CA ILE A 263 10.93 -18.07 8.41
C ILE A 263 12.39 -17.63 8.40
N ALA A 264 13.30 -18.59 8.51
CA ALA A 264 14.72 -18.27 8.69
C ALA A 264 15.62 -19.00 7.70
N GLY A 265 16.48 -18.24 7.04
CA GLY A 265 17.49 -18.82 6.13
C GLY A 265 18.82 -18.97 6.85
N HIS A 266 19.34 -20.20 6.84
CA HIS A 266 20.54 -20.51 7.64
C HIS A 266 21.79 -20.63 6.79
N VAL A 267 22.92 -20.54 7.48
CA VAL A 267 24.24 -20.66 6.85
C VAL A 267 24.41 -22.05 6.24
N SER A 268 23.83 -23.05 6.89
CA SER A 268 23.70 -24.40 6.31
C SER A 268 22.97 -24.47 4.99
N GLY A 269 22.15 -23.47 4.73
CA GLY A 269 21.26 -23.53 3.58
C GLY A 269 19.86 -24.07 3.89
N VAL A 270 19.67 -24.65 5.07
CA VAL A 270 18.32 -25.05 5.46
CA VAL A 270 18.33 -25.06 5.50
C VAL A 270 17.51 -23.80 5.76
N ILE A 271 16.21 -23.91 5.48
CA ILE A 271 15.26 -22.83 5.84
C ILE A 271 14.28 -23.40 6.84
N THR A 272 14.07 -22.71 7.97
CA THR A 272 13.20 -23.23 9.01
C THR A 272 12.05 -22.26 9.24
N VAL A 273 10.88 -22.81 9.56
CA VAL A 273 9.71 -21.97 9.94
C VAL A 273 9.35 -22.26 11.38
N HIS A 274 9.15 -21.20 12.16
CA HIS A 274 8.67 -21.34 13.53
C HIS A 274 7.32 -20.60 13.68
N ASN A 275 6.42 -21.21 14.42
CA ASN A 275 5.19 -20.55 14.89
C ASN A 275 5.55 -19.63 16.05
N VAL A 276 5.35 -18.32 15.88
CA VAL A 276 5.79 -17.37 16.89
C VAL A 276 4.95 -17.52 18.18
N PHE A 277 3.67 -17.86 18.00
CA PHE A 277 2.78 -18.03 19.14
C PHE A 277 3.02 -19.32 19.93
N SER A 278 3.02 -20.45 19.23
CA SER A 278 3.15 -21.76 19.87
C SER A 278 4.60 -22.14 20.13
N LYS A 279 5.52 -21.48 19.44
CA LYS A 279 6.96 -21.71 19.54
C LYS A 279 7.50 -22.94 18.77
N GLU A 280 6.61 -23.71 18.15
CA GLU A 280 7.00 -24.95 17.45
C GLU A 280 7.73 -24.63 16.15
N GLN A 281 8.78 -25.40 15.84
CA GLN A 281 9.26 -25.47 14.46
C GLN A 281 8.35 -26.34 13.61
N THR A 282 7.71 -25.74 12.60
CA THR A 282 6.65 -26.41 11.85
C THR A 282 7.13 -26.98 10.51
N ILE A 283 8.10 -26.31 9.89
CA ILE A 283 8.61 -26.70 8.58
CA ILE A 283 8.62 -26.73 8.60
C ILE A 283 10.13 -26.57 8.55
N GLN A 284 10.79 -27.47 7.83
CA GLN A 284 12.19 -27.30 7.44
C GLN A 284 12.31 -27.57 5.93
N LEU A 285 12.91 -26.62 5.21
CA LEU A 285 13.13 -26.80 3.78
C LEU A 285 14.58 -27.23 3.67
N PRO A 286 14.83 -28.33 2.94
CA PRO A 286 16.21 -28.83 2.90
C PRO A 286 17.20 -27.94 2.14
N SER A 287 18.48 -28.10 2.46
CA SER A 287 19.54 -27.36 1.77
C SER A 287 19.87 -28.06 0.46
N LYS A 288 18.97 -27.93 -0.51
N LYS A 288 18.97 -27.93 -0.51
CA LYS A 288 19.04 -28.68 -1.76
CA LYS A 288 19.04 -28.68 -1.76
C LYS A 288 20.27 -28.28 -2.57
C LYS A 288 20.27 -28.27 -2.57
N PHE A 289 20.76 -27.06 -2.35
CA PHE A 289 21.83 -26.51 -3.16
C PHE A 289 23.14 -26.50 -2.40
N THR A 290 23.13 -27.15 -1.24
CA THR A 290 24.32 -27.38 -0.42
C THR A 290 25.19 -26.15 -0.22
N CYS A 291 24.55 -25.03 0.10
CA CYS A 291 25.26 -23.84 0.46
C CYS A 291 24.32 -22.89 1.18
N SER A 292 24.87 -21.78 1.66
CA SER A 292 24.13 -20.88 2.53
C SER A 292 22.93 -20.27 1.82
N CYS A 293 21.81 -20.21 2.55
CA CYS A 293 20.74 -19.31 2.15
C CYS A 293 21.04 -17.93 2.70
N ASN A 294 21.30 -16.97 1.81
CA ASN A 294 21.80 -15.67 2.21
C ASN A 294 20.65 -14.70 2.47
N SER A 295 19.52 -14.98 1.85
CA SER A 295 18.42 -14.02 1.87
C SER A 295 17.13 -14.70 1.44
N LEU A 296 16.02 -14.37 2.11
CA LEU A 296 14.77 -14.86 1.63
C LEU A 296 13.68 -13.82 1.88
N THR A 297 12.54 -14.05 1.24
CA THR A 297 11.44 -13.07 1.28
C THR A 297 10.14 -13.81 1.00
N VAL A 298 9.02 -13.29 1.52
CA VAL A 298 7.74 -13.95 1.35
C VAL A 298 6.97 -13.24 0.24
N ASP A 299 6.25 -14.01 -0.57
CA ASP A 299 5.42 -13.42 -1.60
C ASP A 299 4.34 -12.58 -0.90
N GLY A 300 4.28 -11.30 -1.24
CA GLY A 300 3.37 -10.37 -0.55
C GLY A 300 1.91 -10.61 -0.85
N ASN A 301 1.64 -11.38 -1.89
CA ASN A 301 0.27 -11.68 -2.30
C ASN A 301 -0.18 -13.09 -1.88
N ASN A 302 0.77 -13.98 -1.64
CA ASN A 302 0.45 -15.34 -1.27
C ASN A 302 1.52 -15.95 -0.38
N ALA A 303 1.24 -16.03 0.92
CA ALA A 303 2.24 -16.38 1.93
C ALA A 303 2.54 -17.87 1.98
N ASN A 304 1.97 -18.64 1.06
CA ASN A 304 2.41 -20.03 0.85
C ASN A 304 3.74 -20.08 0.12
N TYR A 305 4.10 -18.99 -0.56
CA TYR A 305 5.28 -18.93 -1.40
C TYR A 305 6.39 -18.07 -0.85
N ILE A 306 7.61 -18.60 -0.89
CA ILE A 306 8.77 -17.84 -0.48
C ILE A 306 9.86 -17.95 -1.54
N TYR A 307 10.71 -16.94 -1.60
CA TYR A 307 11.79 -16.86 -2.57
C TYR A 307 13.07 -16.79 -1.79
N ALA A 308 14.05 -17.62 -2.16
CA ALA A 308 15.27 -17.74 -1.37
C ALA A 308 16.47 -17.68 -2.29
N GLY A 309 17.48 -16.94 -1.85
CA GLY A 309 18.71 -16.77 -2.63
C GLY A 309 19.88 -17.43 -1.93
N TYR A 310 20.71 -18.10 -2.71
CA TYR A 310 21.76 -18.94 -2.11
C TYR A 310 23.15 -18.50 -2.56
N GLU A 311 24.16 -19.00 -1.85
CA GLU A 311 25.53 -18.51 -2.00
C GLU A 311 26.14 -18.86 -3.36
N ASN A 312 25.59 -19.87 -4.01
CA ASN A 312 26.09 -20.28 -5.32
C ASN A 312 25.31 -19.72 -6.51
N GLY A 313 24.40 -18.79 -6.24
CA GLY A 313 23.67 -18.14 -7.31
C GLY A 313 22.32 -18.74 -7.66
N MET A 314 21.92 -19.78 -6.94
CA MET A 314 20.57 -20.33 -7.11
C MET A 314 19.54 -19.41 -6.46
N LEU A 315 18.49 -19.11 -7.23
CA LEU A 315 17.26 -18.49 -6.69
C LEU A 315 16.15 -19.53 -6.75
N ALA A 316 15.58 -19.86 -5.60
CA ALA A 316 14.53 -20.87 -5.56
C ALA A 316 13.21 -20.27 -5.11
N GLN A 317 12.14 -20.75 -5.70
CA GLN A 317 10.80 -20.53 -5.17
C GLN A 317 10.27 -21.78 -4.48
N TRP A 318 9.86 -21.62 -3.23
CA TRP A 318 9.38 -22.74 -2.41
C TRP A 318 7.92 -22.50 -2.11
N ASP A 319 7.13 -23.55 -2.20
CA ASP A 319 5.77 -23.59 -1.60
C ASP A 319 5.85 -24.31 -0.25
N LEU A 320 5.43 -23.59 0.80
CA LEU A 320 5.62 -24.05 2.17
C LEU A 320 4.81 -25.31 2.47
N ARG A 321 3.80 -25.55 1.65
CA ARG A 321 2.95 -26.72 1.78
C ARG A 321 3.64 -27.94 1.18
N SER A 322 4.71 -27.70 0.42
CA SER A 322 5.45 -28.79 -0.22
C SER A 322 6.93 -28.66 0.08
N PRO A 323 7.32 -28.84 1.34
CA PRO A 323 8.66 -28.47 1.78
C PRO A 323 9.75 -29.34 1.16
N GLU A 324 9.35 -30.40 0.45
CA GLU A 324 10.29 -31.41 -0.03
C GLU A 324 11.17 -30.95 -1.18
N CYS A 325 10.63 -30.11 -2.06
N CYS A 325 10.62 -30.12 -2.06
CA CYS A 325 11.30 -29.71 -3.29
CA CYS A 325 11.28 -29.70 -3.30
C CYS A 325 10.79 -28.35 -3.77
C CYS A 325 10.80 -28.30 -3.64
N PRO A 326 11.69 -27.45 -4.19
CA PRO A 326 11.23 -26.15 -4.70
C PRO A 326 10.27 -26.33 -5.86
N VAL A 327 9.37 -25.35 -6.05
CA VAL A 327 8.53 -25.33 -7.24
C VAL A 327 9.12 -24.54 -8.40
N GLY A 328 10.25 -23.87 -8.15
CA GLY A 328 10.98 -23.17 -9.20
C GLY A 328 12.42 -22.96 -8.81
N GLU A 329 13.31 -23.11 -9.79
CA GLU A 329 14.73 -22.98 -9.56
C GLU A 329 15.31 -22.20 -10.72
N PHE A 330 16.05 -21.13 -10.41
CA PHE A 330 16.61 -20.26 -11.44
C PHE A 330 18.06 -19.93 -11.12
N LEU A 331 18.97 -20.28 -12.02
CA LEU A 331 20.36 -19.92 -11.83
C LEU A 331 20.62 -18.49 -12.30
N ILE A 332 21.23 -17.71 -11.42
CA ILE A 332 21.73 -16.39 -11.77
C ILE A 332 23.23 -16.33 -11.57
N ASN A 333 23.97 -16.32 -12.68
CA ASN A 333 25.43 -16.40 -12.63
C ASN A 333 25.96 -17.42 -11.62
N GLU A 334 25.63 -18.69 -11.88
CA GLU A 334 26.04 -19.78 -11.01
C GLU A 334 27.52 -19.71 -10.63
N GLY A 335 27.79 -19.79 -9.32
CA GLY A 335 29.13 -19.62 -8.78
C GLY A 335 29.45 -18.26 -8.19
N THR A 336 28.46 -17.38 -8.18
CA THR A 336 28.57 -16.11 -7.47
C THR A 336 27.29 -15.93 -6.67
N PRO A 337 27.38 -15.25 -5.51
CA PRO A 337 26.30 -15.35 -4.54
C PRO A 337 25.11 -14.46 -4.92
N ILE A 338 23.91 -14.92 -4.58
CA ILE A 338 22.80 -14.00 -4.38
C ILE A 338 22.96 -13.37 -3.00
N ASN A 339 23.03 -12.04 -2.97
CA ASN A 339 23.20 -11.26 -1.74
C ASN A 339 21.87 -10.91 -1.07
N ASN A 340 20.83 -10.67 -1.86
CA ASN A 340 19.57 -10.11 -1.32
C ASN A 340 18.44 -10.49 -2.26
N VAL A 341 17.30 -10.85 -1.68
CA VAL A 341 16.09 -11.00 -2.47
C VAL A 341 15.00 -10.25 -1.70
N TYR A 342 14.16 -9.55 -2.44
CA TYR A 342 13.21 -8.63 -1.81
C TYR A 342 11.95 -8.60 -2.66
N PHE A 343 10.80 -8.90 -2.04
CA PHE A 343 9.53 -8.80 -2.76
C PHE A 343 8.88 -7.44 -2.57
N ALA A 344 8.47 -6.83 -3.67
CA ALA A 344 7.64 -5.60 -3.59
C ALA A 344 6.89 -5.39 -4.88
N ALA A 345 5.68 -4.85 -4.76
CA ALA A 345 4.94 -4.42 -5.94
C ALA A 345 4.87 -5.51 -6.98
N GLY A 346 4.60 -6.73 -6.55
CA GLY A 346 4.32 -7.83 -7.47
C GLY A 346 5.56 -8.31 -8.20
N ALA A 347 6.72 -7.96 -7.65
CA ALA A 347 7.98 -8.27 -8.32
C ALA A 347 9.01 -8.73 -7.32
N LEU A 348 10.02 -9.45 -7.80
CA LEU A 348 11.13 -9.86 -6.97
C LEU A 348 12.38 -9.07 -7.37
N PHE A 349 13.02 -8.43 -6.40
CA PHE A 349 14.28 -7.76 -6.63
C PHE A 349 15.43 -8.60 -6.12
N VAL A 350 16.44 -8.76 -6.94
CA VAL A 350 17.54 -9.70 -6.63
C VAL A 350 18.87 -8.99 -6.85
N SER A 351 19.76 -9.09 -5.85
CA SER A 351 21.11 -8.57 -5.97
C SER A 351 22.04 -9.77 -6.03
N SER A 352 22.94 -9.76 -7.02
CA SER A 352 23.80 -10.92 -7.31
C SER A 352 25.23 -10.46 -7.55
N GLY A 353 26.19 -11.23 -7.04
CA GLY A 353 27.59 -10.98 -7.33
C GLY A 353 28.06 -9.59 -6.96
N PHE A 354 29.04 -9.08 -7.71
CA PHE A 354 29.59 -7.78 -7.35
C PHE A 354 28.75 -6.57 -7.81
N ASP A 355 27.84 -6.77 -8.75
CA ASP A 355 27.20 -5.62 -9.39
C ASP A 355 25.96 -5.90 -10.24
N THR A 356 25.26 -6.99 -9.95
CA THR A 356 24.03 -7.29 -10.68
C THR A 356 22.81 -7.00 -9.81
N SER A 357 21.85 -6.25 -10.37
CA SER A 357 20.60 -5.98 -9.69
C SER A 357 19.46 -6.19 -10.68
N ILE A 358 18.52 -7.06 -10.33
CA ILE A 358 17.51 -7.53 -11.27
C ILE A 358 16.13 -7.35 -10.66
N LYS A 359 15.17 -6.91 -11.49
CA LYS A 359 13.75 -7.02 -11.14
C LYS A 359 13.13 -8.11 -11.98
N LEU A 360 12.57 -9.11 -11.30
CA LEU A 360 11.84 -10.20 -11.95
C LEU A 360 10.35 -10.03 -11.70
N ASP A 361 9.59 -9.93 -12.78
CA ASP A 361 8.15 -9.85 -12.64
C ASP A 361 7.59 -11.20 -12.22
N ILE A 362 6.60 -11.16 -11.34
CA ILE A 362 5.89 -12.35 -10.93
C ILE A 362 4.47 -12.24 -11.47
N ILE A 363 4.08 -13.20 -12.30
CA ILE A 363 2.72 -13.23 -12.82
C ILE A 363 1.92 -14.34 -12.16
N SER A 364 0.69 -14.02 -11.77
CA SER A 364 -0.20 -15.05 -11.26
C SER A 364 -1.55 -15.01 -11.94
N ASP A 365 -2.30 -16.11 -11.83
CA ASP A 365 -3.63 -16.16 -12.39
C ASP A 365 -4.59 -15.46 -11.45
N PRO A 366 -5.84 -15.27 -11.89
CA PRO A 366 -6.81 -14.45 -11.17
C PRO A 366 -6.99 -14.88 -9.72
N GLU A 367 -6.62 -16.12 -9.40
CA GLU A 367 -6.79 -16.62 -8.04
C GLU A 367 -5.54 -16.42 -7.19
N SER A 368 -4.57 -15.69 -7.74
CA SER A 368 -3.22 -15.64 -7.18
C SER A 368 -2.62 -17.03 -7.08
N GLU A 369 -3.28 -17.97 -7.75
CA GLU A 369 -2.82 -19.35 -7.80
C GLU A 369 -1.35 -19.40 -8.20
N ARG A 370 -0.49 -19.57 -7.21
CA ARG A 370 0.92 -19.83 -7.44
C ARG A 370 1.57 -18.75 -8.29
N PRO A 371 2.34 -17.86 -7.65
CA PRO A 371 3.09 -16.86 -8.38
C PRO A 371 4.16 -17.50 -9.25
N ALA A 372 4.42 -16.91 -10.42
CA ALA A 372 5.32 -17.49 -11.41
C ALA A 372 6.32 -16.47 -11.92
N ILE A 373 7.61 -16.79 -11.81
CA ILE A 373 8.66 -15.81 -12.11
C ILE A 373 8.87 -15.68 -13.62
N GLU A 374 8.77 -14.45 -14.12
CA GLU A 374 9.00 -14.20 -15.55
C GLU A 374 10.48 -14.16 -15.91
N PHE A 375 11.09 -15.34 -15.96
CA PHE A 375 12.54 -15.45 -15.92
C PHE A 375 13.20 -15.08 -17.24
N GLU A 376 12.43 -15.15 -18.32
CA GLU A 376 12.96 -14.85 -19.66
C GLU A 376 12.98 -13.37 -20.01
N THR A 377 12.38 -12.54 -19.17
CA THR A 377 12.32 -11.10 -19.43
C THR A 377 12.73 -10.27 -18.23
N PRO A 378 13.95 -10.49 -17.74
CA PRO A 378 14.41 -9.75 -16.58
C PRO A 378 14.62 -8.27 -16.88
N THR A 379 14.39 -7.42 -15.89
CA THR A 379 14.76 -6.01 -15.98
C THR A 379 15.97 -5.71 -15.11
N PHE A 380 16.96 -5.05 -15.69
CA PHE A 380 18.17 -4.75 -14.97
C PHE A 380 18.15 -3.31 -14.51
N LEU A 381 18.42 -3.11 -13.24
CA LEU A 381 18.51 -1.78 -12.65
C LEU A 381 19.93 -1.25 -12.86
N VAL A 382 20.06 -0.33 -13.81
CA VAL A 382 21.37 0.06 -14.33
C VAL A 382 22.16 0.90 -13.32
N SER A 383 23.38 0.47 -13.04
CA SER A 383 24.27 1.23 -12.17
C SER A 383 25.67 1.20 -12.74
N ASN A 384 26.58 1.93 -12.08
CA ASN A 384 27.97 1.98 -12.53
C ASN A 384 28.75 0.88 -11.83
N ASP A 385 28.45 -0.35 -12.19
CA ASP A 385 28.95 -1.52 -11.50
C ASP A 385 28.88 -1.43 -9.98
N ASP A 386 27.74 -0.97 -9.47
CA ASP A 386 27.57 -0.84 -8.03
C ASP A 386 27.02 -2.11 -7.40
N ALA A 387 27.49 -2.41 -6.19
CA ALA A 387 26.98 -3.54 -5.43
C ALA A 387 25.77 -3.10 -4.61
N VAL A 388 24.65 -3.81 -4.78
CA VAL A 388 23.47 -3.59 -3.94
C VAL A 388 23.54 -4.36 -2.62
N SER A 389 23.52 -3.62 -1.51
CA SER A 389 23.44 -4.23 -0.18
C SER A 389 21.99 -4.52 0.21
N GLN A 390 21.07 -3.62 -0.13
CA GLN A 390 19.68 -3.76 0.30
CA GLN A 390 19.69 -3.72 0.32
C GLN A 390 18.77 -2.97 -0.64
N PHE A 391 17.56 -3.49 -0.84
CA PHE A 391 16.47 -2.79 -1.55
C PHE A 391 15.46 -2.23 -0.57
N CYS A 392 14.70 -1.25 -1.06
CA CYS A 392 13.60 -0.69 -0.25
C CYS A 392 12.53 -0.18 -1.21
N TYR A 393 11.28 -0.59 -0.97
CA TYR A 393 10.17 -0.15 -1.82
C TYR A 393 9.68 1.21 -1.31
N VAL A 394 9.48 2.13 -2.25
CA VAL A 394 8.98 3.46 -1.89
C VAL A 394 7.63 3.68 -2.58
N SER A 395 6.58 3.74 -1.78
CA SER A 395 5.24 3.91 -2.32
C SER A 395 5.08 5.31 -2.88
N ASP A 396 4.24 5.46 -3.90
CA ASP A 396 3.91 6.78 -4.42
C ASP A 396 2.42 6.85 -4.70
N ASP A 397 1.82 8.00 -4.38
CA ASP A 397 0.40 8.20 -4.64
C ASP A 397 0.14 8.41 -6.12
N GLU A 398 1.21 8.74 -6.87
CA GLU A 398 1.07 9.17 -8.24
CA GLU A 398 1.09 9.18 -8.25
C GLU A 398 1.50 8.10 -9.25
N SER A 399 2.03 6.99 -8.72
CA SER A 399 2.46 5.87 -9.56
C SER A 399 2.47 4.57 -8.75
N ASN A 400 2.91 3.47 -9.37
CA ASN A 400 3.09 2.20 -8.66
C ASN A 400 4.37 2.17 -7.83
N GLY A 401 5.06 3.31 -7.76
CA GLY A 401 6.11 3.49 -6.77
C GLY A 401 7.50 3.35 -7.38
N GLU A 402 8.47 3.24 -6.49
CA GLU A 402 9.88 3.20 -6.86
C GLU A 402 10.58 2.13 -6.04
N VAL A 403 11.80 1.81 -6.45
CA VAL A 403 12.64 1.00 -5.58
C VAL A 403 13.93 1.77 -5.34
N LEU A 404 14.36 1.78 -4.09
CA LEU A 404 15.63 2.40 -3.69
C LEU A 404 16.67 1.29 -3.44
N GLU A 405 17.83 1.44 -4.07
CA GLU A 405 18.97 0.54 -3.78
C GLU A 405 20.05 1.30 -3.04
N VAL A 406 20.66 0.67 -2.04
CA VAL A 406 21.85 1.23 -1.43
C VAL A 406 23.01 0.25 -1.44
N GLY A 407 24.22 0.78 -1.36
CA GLY A 407 25.38 -0.09 -1.22
C GLY A 407 26.65 0.67 -0.93
N LYS A 408 27.78 -0.02 -1.05
CA LYS A 408 29.06 0.57 -0.76
C LYS A 408 29.42 1.69 -1.76
N ASN A 409 30.47 2.44 -1.43
CA ASN A 409 30.92 3.54 -2.27
C ASN A 409 29.83 4.57 -2.49
N ASN A 410 29.14 4.90 -1.41
CA ASN A 410 28.13 5.97 -1.40
C ASN A 410 27.09 5.74 -2.48
N PHE A 411 26.58 4.50 -2.55
CA PHE A 411 25.59 4.16 -3.58
C PHE A 411 24.20 4.25 -2.99
N CYS A 412 23.37 5.09 -3.57
CA CYS A 412 21.99 5.23 -3.12
C CYS A 412 21.19 5.75 -4.31
N ALA A 413 20.40 4.86 -4.90
CA ALA A 413 19.85 5.09 -6.23
C ALA A 413 18.39 4.71 -6.28
N LEU A 414 17.59 5.61 -6.86
CA LEU A 414 16.15 5.43 -6.92
C LEU A 414 15.73 5.13 -8.36
N TYR A 415 14.86 4.13 -8.52
CA TYR A 415 14.37 3.69 -9.83
C TYR A 415 12.86 3.73 -9.88
N ASN A 416 12.29 4.14 -11.00
CA ASN A 416 10.84 4.05 -11.19
C ASN A 416 10.43 2.62 -11.56
N LEU A 417 9.25 2.21 -11.12
CA LEU A 417 8.75 0.87 -11.43
C LEU A 417 7.65 0.91 -12.50
N SER A 418 7.52 2.05 -13.14
CA SER A 418 6.65 2.18 -14.32
C SER A 418 7.29 3.14 -15.30
N ASN A 419 6.92 3.04 -16.58
CA ASN A 419 7.53 3.85 -17.62
C ASN A 419 6.66 4.99 -18.13
N MET B 4 -12.78 32.19 4.98
CA MET B 4 -12.20 30.82 4.89
C MET B 4 -12.90 29.98 3.83
N THR B 5 -14.22 30.09 3.76
CA THR B 5 -15.01 29.15 2.98
C THR B 5 -14.78 29.34 1.49
N LYS B 6 -14.38 28.27 0.81
CA LYS B 6 -14.24 28.30 -0.63
C LYS B 6 -15.34 27.47 -1.27
N THR B 7 -15.57 27.68 -2.55
CA THR B 7 -16.57 26.92 -3.28
C THR B 7 -15.91 26.02 -4.30
N ILE B 8 -16.26 24.74 -4.28
CA ILE B 8 -15.88 23.83 -5.35
C ILE B 8 -16.94 23.83 -6.44
N THR B 9 -16.55 24.24 -7.64
CA THR B 9 -17.49 24.34 -8.76
C THR B 9 -17.67 22.99 -9.42
N VAL B 10 -18.92 22.52 -9.44
CA VAL B 10 -19.24 21.17 -9.87
C VAL B 10 -19.67 21.19 -11.33
N ALA B 11 -19.18 20.21 -12.09
CA ALA B 11 -19.56 20.05 -13.49
C ALA B 11 -20.03 18.63 -13.76
N HIS B 12 -20.98 18.49 -14.67
CA HIS B 12 -21.44 17.18 -15.14
C HIS B 12 -21.32 17.12 -16.66
N ILE B 13 -20.48 16.20 -17.13
CA ILE B 13 -20.39 15.95 -18.56
C ILE B 13 -21.41 14.93 -19.05
N GLN B 14 -21.98 15.19 -20.23
CA GLN B 14 -22.90 14.23 -20.85
C GLN B 14 -22.25 12.84 -20.92
N TYR B 15 -22.90 11.83 -20.33
CA TYR B 15 -22.19 10.58 -20.06
CA TYR B 15 -22.24 10.54 -20.06
C TYR B 15 -21.68 9.89 -21.33
N ASP B 16 -22.46 9.99 -22.40
CA ASP B 16 -22.13 9.27 -23.64
C ASP B 16 -21.34 10.16 -24.60
N PHE B 17 -20.61 11.14 -24.05
CA PHE B 17 -19.92 12.12 -24.87
C PHE B 17 -18.91 11.47 -25.81
N LYS B 18 -18.36 10.33 -25.42
CA LYS B 18 -17.41 9.64 -26.29
C LYS B 18 -18.10 9.08 -27.53
N ALA B 19 -19.28 8.50 -27.35
CA ALA B 19 -20.02 7.95 -28.49
C ALA B 19 -20.48 9.06 -29.42
N VAL B 20 -20.80 10.21 -28.86
CA VAL B 20 -21.18 11.37 -29.67
CA VAL B 20 -21.19 11.36 -29.68
C VAL B 20 -20.03 11.80 -30.58
N LEU B 21 -18.83 11.84 -30.01
CA LEU B 21 -17.63 12.15 -30.76
C LEU B 21 -17.42 11.21 -31.96
N GLU B 22 -17.94 9.99 -31.86
CA GLU B 22 -17.63 8.97 -32.86
C GLU B 22 -18.62 8.83 -34.02
N GLU B 23 -19.74 9.51 -33.96
CA GLU B 23 -20.69 9.53 -35.08
C GLU B 23 -20.31 10.54 -36.15
N ASN B 24 -21.31 11.05 -36.86
CA ASN B 24 -21.08 11.61 -38.19
C ASN B 24 -21.84 12.92 -38.44
N ASP B 25 -21.28 13.74 -39.34
CA ASP B 25 -22.04 14.81 -39.99
C ASP B 25 -22.71 15.73 -38.98
N GLU B 26 -23.52 16.66 -39.49
CA GLU B 26 -24.41 17.43 -38.62
C GLU B 26 -25.67 16.64 -38.27
N ASN B 27 -25.50 15.67 -37.38
CA ASN B 27 -26.62 14.89 -36.85
C ASN B 27 -26.44 14.65 -35.36
N ASP B 28 -25.33 14.03 -34.99
CA ASP B 28 -24.88 13.99 -33.60
C ASP B 28 -23.75 14.98 -33.38
N ASP B 29 -24.11 16.26 -33.23
CA ASP B 29 -23.17 17.35 -33.48
C ASP B 29 -22.79 18.14 -32.22
N GLU B 30 -23.16 17.61 -31.06
CA GLU B 30 -22.90 18.31 -29.80
C GLU B 30 -23.10 17.42 -28.59
N PHE B 31 -22.34 17.69 -27.53
CA PHE B 31 -22.67 17.21 -26.20
C PHE B 31 -22.56 18.35 -25.18
N TYR B 32 -23.14 18.16 -24.01
CA TYR B 32 -23.19 19.21 -23.02
C TYR B 32 -22.21 18.98 -21.87
N ILE B 33 -21.73 20.08 -21.29
CA ILE B 33 -21.19 20.06 -19.94
C ILE B 33 -21.94 21.07 -19.09
N ASN B 34 -22.62 20.58 -18.05
CA ASN B 34 -23.39 21.43 -17.13
C ASN B 34 -22.58 21.80 -15.90
N VAL B 35 -22.40 23.10 -15.68
CA VAL B 35 -21.72 23.59 -14.49
C VAL B 35 -22.74 24.20 -13.50
N ASP B 36 -22.70 23.76 -12.25
CA ASP B 36 -23.65 24.20 -11.22
C ASP B 36 -23.18 25.50 -10.58
N LYS B 37 -23.99 26.56 -10.71
CA LYS B 37 -23.76 27.75 -9.91
CA LYS B 37 -23.76 27.75 -9.91
C LYS B 37 -24.30 27.59 -8.49
N ASN B 38 -25.60 27.31 -8.39
CA ASN B 38 -26.23 27.11 -7.10
C ASN B 38 -27.43 26.17 -7.22
N LEU B 39 -28.34 26.26 -6.24
CA LEU B 39 -29.53 25.43 -6.24
C LEU B 39 -30.39 25.72 -7.47
N ASN B 40 -30.23 26.90 -8.04
CA ASN B 40 -31.17 27.44 -9.00
C ASN B 40 -30.58 27.79 -10.37
N GLU B 41 -29.32 27.45 -10.60
CA GLU B 41 -28.68 27.87 -11.84
C GLU B 41 -27.65 26.87 -12.35
N ILE B 42 -27.88 26.38 -13.57
CA ILE B 42 -26.94 25.50 -14.25
C ILE B 42 -26.45 26.17 -15.53
N LYS B 43 -25.15 26.34 -15.66
CA LYS B 43 -24.59 26.85 -16.91
CA LYS B 43 -24.57 26.85 -16.90
C LYS B 43 -24.35 25.71 -17.89
N GLU B 44 -25.15 25.67 -18.95
CA GLU B 44 -25.05 24.58 -19.92
C GLU B 44 -24.08 24.96 -21.04
N HIS B 45 -22.96 24.26 -21.11
CA HIS B 45 -22.02 24.50 -22.19
C HIS B 45 -22.23 23.49 -23.30
N LYS B 46 -22.53 23.99 -24.49
CA LYS B 46 -22.63 23.15 -25.67
C LYS B 46 -21.24 22.97 -26.26
N ILE B 47 -20.74 21.76 -26.20
CA ILE B 47 -19.50 21.44 -26.88
C ILE B 47 -19.82 20.90 -28.27
N VAL B 48 -19.56 21.71 -29.28
CA VAL B 48 -19.78 21.29 -30.65
C VAL B 48 -18.55 20.58 -31.18
N VAL B 49 -18.76 19.39 -31.72
CA VAL B 49 -17.67 18.54 -32.17
C VAL B 49 -17.22 18.91 -33.58
N LEU B 50 -16.38 19.95 -33.69
CA LEU B 50 -16.09 20.56 -34.99
C LEU B 50 -14.87 19.99 -35.74
N GLY B 51 -14.94 18.68 -35.96
CA GLY B 51 -15.17 18.15 -37.28
C GLY B 51 -16.14 17.00 -37.16
N ASN B 52 -15.66 15.83 -37.52
CA ASN B 52 -16.20 14.56 -37.08
C ASN B 52 -15.07 13.70 -36.51
N SER B 53 -13.90 14.32 -36.32
CA SER B 53 -12.82 13.64 -35.61
C SER B 53 -12.55 14.32 -34.27
N ARG B 54 -11.47 15.08 -34.21
CA ARG B 54 -11.20 15.93 -33.07
C ARG B 54 -11.74 17.34 -33.32
N GLY B 55 -13.07 17.44 -33.34
CA GLY B 55 -13.73 18.73 -33.45
C GLY B 55 -14.31 19.17 -32.12
N VAL B 56 -13.75 20.23 -31.55
CA VAL B 56 -14.22 20.74 -30.27
C VAL B 56 -14.33 22.26 -30.27
N ASP B 57 -15.51 22.76 -30.66
CA ASP B 57 -15.89 24.14 -30.40
C ASP B 57 -16.58 24.26 -29.04
N ALA B 58 -15.84 24.76 -28.05
CA ALA B 58 -16.37 24.89 -26.69
C ALA B 58 -16.93 26.29 -26.44
N GLY B 59 -16.97 27.11 -27.49
CA GLY B 59 -17.19 28.54 -27.33
C GLY B 59 -15.88 29.27 -27.12
N LYS B 60 -15.89 30.58 -27.31
CA LYS B 60 -14.68 31.36 -27.17
C LYS B 60 -14.27 31.50 -25.70
N GLY B 61 -12.97 31.55 -25.46
CA GLY B 61 -12.44 31.58 -24.10
C GLY B 61 -12.40 30.21 -23.44
N ASN B 62 -12.99 29.21 -24.10
CA ASN B 62 -13.16 27.89 -23.51
C ASN B 62 -12.41 26.79 -24.25
N THR B 63 -12.08 25.71 -23.53
CA THR B 63 -11.36 24.57 -24.12
C THR B 63 -11.87 23.22 -23.61
N PHE B 64 -11.93 22.25 -24.52
CA PHE B 64 -12.05 20.84 -24.14
C PHE B 64 -11.04 20.00 -24.94
N GLU B 65 -10.29 19.15 -24.24
CA GLU B 65 -9.39 18.21 -24.90
C GLU B 65 -9.16 16.92 -24.12
N LYS B 66 -8.86 15.85 -24.85
CA LYS B 66 -8.36 14.61 -24.27
C LYS B 66 -6.91 14.76 -23.79
N VAL B 67 -6.65 14.37 -22.55
CA VAL B 67 -5.30 14.46 -22.00
C VAL B 67 -4.66 13.11 -21.73
N GLY B 68 -5.49 12.08 -21.59
CA GLY B 68 -5.02 10.71 -21.55
C GLY B 68 -6.13 9.73 -21.87
N SER B 69 -5.82 8.44 -21.77
CA SER B 69 -6.70 7.36 -22.24
C SER B 69 -8.14 7.49 -21.75
N HIS B 70 -8.30 7.79 -20.45
CA HIS B 70 -9.64 7.94 -19.87
C HIS B 70 -9.79 9.27 -19.13
N LEU B 71 -9.18 10.31 -19.67
CA LEU B 71 -9.10 11.59 -18.98
C LEU B 71 -9.22 12.75 -19.95
N TYR B 72 -10.18 13.65 -19.69
CA TYR B 72 -10.39 14.81 -20.52
C TYR B 72 -10.39 16.07 -19.66
N LYS B 73 -10.00 17.19 -20.27
CA LYS B 73 -9.83 18.44 -19.54
C LYS B 73 -10.67 19.53 -20.20
N ALA B 74 -11.33 20.37 -19.40
CA ALA B 74 -12.02 21.56 -19.92
C ALA B 74 -11.75 22.78 -19.07
N ARG B 75 -11.71 23.95 -19.73
CA ARG B 75 -11.83 25.24 -19.07
C ARG B 75 -13.08 25.92 -19.59
N LEU B 76 -13.98 26.28 -18.68
CA LEU B 76 -15.25 26.88 -19.06
C LEU B 76 -15.51 28.07 -18.14
N ASP B 77 -15.61 29.26 -18.73
CA ASP B 77 -15.97 30.45 -17.97
C ASP B 77 -15.05 30.64 -16.77
N GLY B 78 -13.74 30.50 -16.98
CA GLY B 78 -12.76 30.83 -15.96
C GLY B 78 -12.42 29.71 -14.97
N HIS B 79 -13.18 28.62 -15.02
CA HIS B 79 -13.01 27.51 -14.09
C HIS B 79 -12.46 26.29 -14.82
N ASP B 80 -11.71 25.45 -14.11
CA ASP B 80 -11.06 24.28 -14.72
C ASP B 80 -11.70 22.98 -14.23
N PHE B 81 -11.85 22.01 -15.13
CA PHE B 81 -12.51 20.72 -14.81
C PHE B 81 -11.79 19.54 -15.47
N LEU B 82 -11.60 18.46 -14.71
CA LEU B 82 -11.14 17.19 -15.29
C LEU B 82 -12.24 16.14 -15.26
N PHE B 83 -12.29 15.29 -16.28
CA PHE B 83 -13.29 14.24 -16.37
C PHE B 83 -12.65 12.88 -16.61
N ASN B 84 -12.90 11.97 -15.68
CA ASN B 84 -12.24 10.66 -15.65
C ASN B 84 -13.32 9.62 -15.96
N THR B 85 -13.13 8.86 -17.03
CA THR B 85 -14.16 7.95 -17.51
C THR B 85 -13.93 6.51 -17.07
N ILE B 86 -15.01 5.73 -17.03
CA ILE B 86 -14.96 4.36 -16.52
C ILE B 86 -13.99 3.48 -17.32
N ILE B 87 -13.10 2.79 -16.62
CA ILE B 87 -12.24 1.80 -17.27
C ILE B 87 -12.85 0.40 -17.32
N ARG B 88 -13.74 0.11 -16.38
CA ARG B 88 -14.41 -1.18 -16.35
C ARG B 88 -15.73 -1.04 -15.64
N ASP B 89 -16.78 -1.50 -16.31
CA ASP B 89 -18.11 -1.56 -15.70
C ASP B 89 -18.24 -2.88 -14.94
N GLY B 90 -17.98 -2.83 -13.65
CA GLY B 90 -18.00 -4.04 -12.82
C GLY B 90 -19.37 -4.68 -12.76
N SER B 91 -20.40 -3.91 -13.11
CA SER B 91 -21.78 -4.35 -12.98
C SER B 91 -22.26 -5.12 -14.21
N LYS B 92 -21.45 -5.12 -15.26
CA LYS B 92 -21.90 -5.52 -16.60
C LYS B 92 -22.63 -6.85 -16.59
N MET B 93 -22.10 -7.82 -15.85
CA MET B 93 -22.65 -9.16 -15.87
C MET B 93 -23.27 -9.53 -14.53
N LEU B 94 -23.45 -8.53 -13.67
CA LEU B 94 -24.09 -8.74 -12.38
C LEU B 94 -25.60 -8.65 -12.52
N LYS B 95 -26.31 -9.57 -11.86
CA LYS B 95 -27.76 -9.47 -11.78
C LYS B 95 -28.14 -8.18 -11.06
N ARG B 96 -29.31 -7.65 -11.40
CA ARG B 96 -29.72 -6.34 -10.86
C ARG B 96 -29.83 -6.33 -9.34
N ALA B 97 -29.25 -5.29 -8.73
CA ALA B 97 -29.40 -5.02 -7.30
C ALA B 97 -29.06 -3.55 -7.05
N ASP B 98 -29.52 -3.01 -5.92
CA ASP B 98 -29.04 -1.71 -5.47
C ASP B 98 -27.91 -1.89 -4.47
N TYR B 99 -26.71 -1.44 -4.84
CA TYR B 99 -25.55 -1.61 -3.96
C TYR B 99 -25.35 -0.50 -2.96
N THR B 100 -25.10 -0.90 -1.72
CA THR B 100 -25.03 0.03 -0.61
C THR B 100 -23.69 -0.03 0.10
N ALA B 101 -22.89 -1.04 -0.22
CA ALA B 101 -21.61 -1.24 0.47
C ALA B 101 -20.67 -2.03 -0.42
N VAL B 102 -19.37 -1.86 -0.18
CA VAL B 102 -18.34 -2.50 -1.01
C VAL B 102 -17.03 -2.57 -0.21
N ASP B 103 -16.26 -3.61 -0.47
CA ASP B 103 -14.87 -3.60 -0.07
C ASP B 103 -14.09 -4.54 -0.97
N THR B 104 -12.77 -4.50 -0.82
CA THR B 104 -11.91 -5.34 -1.61
C THR B 104 -10.80 -5.94 -0.74
N ALA B 105 -10.26 -7.07 -1.18
CA ALA B 105 -9.10 -7.69 -0.55
C ALA B 105 -8.14 -8.18 -1.63
N LYS B 106 -6.87 -8.16 -1.30
CA LYS B 106 -5.81 -8.54 -2.23
C LYS B 106 -5.39 -9.96 -1.93
N LEU B 107 -5.30 -10.26 -0.65
CA LEU B 107 -4.26 -11.20 -0.20
C LEU B 107 -4.32 -12.55 -0.87
N GLN B 108 -5.19 -13.43 -0.39
CA GLN B 108 -5.20 -14.77 -0.95
C GLN B 108 -5.43 -14.69 -2.46
N MET B 109 -6.53 -14.08 -2.85
CA MET B 109 -6.75 -13.66 -4.23
C MET B 109 -7.55 -12.37 -4.23
N ARG B 110 -7.50 -11.62 -5.32
CA ARG B 110 -8.28 -10.39 -5.41
C ARG B 110 -9.77 -10.70 -5.42
N ARG B 111 -10.48 -10.11 -4.47
CA ARG B 111 -11.93 -10.27 -4.42
C ARG B 111 -12.55 -8.92 -4.17
N PHE B 112 -13.82 -8.80 -4.53
CA PHE B 112 -14.66 -7.69 -4.12
C PHE B 112 -15.88 -8.24 -3.42
N ILE B 113 -16.39 -7.50 -2.45
CA ILE B 113 -17.67 -7.85 -1.87
C ILE B 113 -18.62 -6.68 -1.99
N LEU B 114 -19.86 -6.98 -2.36
N LEU B 114 -19.87 -6.96 -2.34
CA LEU B 114 -20.92 -5.98 -2.51
CA LEU B 114 -20.89 -5.91 -2.51
C LEU B 114 -22.04 -6.31 -1.54
C LEU B 114 -22.16 -6.26 -1.75
N GLY B 115 -22.67 -5.29 -0.99
CA GLY B 115 -23.88 -5.48 -0.21
C GLY B 115 -25.04 -4.74 -0.85
N THR B 116 -26.25 -5.25 -0.64
CA THR B 116 -27.42 -4.68 -1.30
C THR B 116 -28.48 -4.20 -0.32
N THR B 117 -29.44 -3.44 -0.84
CA THR B 117 -30.58 -2.97 -0.05
C THR B 117 -31.47 -4.11 0.45
N GLU B 118 -31.31 -5.29 -0.11
CA GLU B 118 -32.15 -6.43 0.24
C GLU B 118 -31.47 -7.36 1.23
N GLY B 119 -30.24 -7.03 1.60
CA GLY B 119 -29.50 -7.79 2.59
C GLY B 119 -28.66 -8.91 2.01
N ASP B 120 -28.38 -8.84 0.71
CA ASP B 120 -27.56 -9.85 0.04
C ASP B 120 -26.10 -9.42 0.03
N ILE B 121 -25.19 -10.38 0.09
CA ILE B 121 -23.78 -10.10 -0.12
C ILE B 121 -23.30 -10.87 -1.35
N LYS B 122 -22.61 -10.18 -2.25
CA LYS B 122 -22.05 -10.82 -3.44
C LYS B 122 -20.53 -10.83 -3.29
N VAL B 123 -19.92 -12.00 -3.49
CA VAL B 123 -18.47 -12.11 -3.50
C VAL B 123 -18.02 -12.30 -4.94
N LEU B 124 -17.21 -11.36 -5.43
CA LEU B 124 -16.77 -11.37 -6.83
C LEU B 124 -15.28 -11.62 -6.89
N ASP B 125 -14.83 -12.16 -8.02
CA ASP B 125 -13.40 -12.25 -8.29
C ASP B 125 -12.84 -11.04 -9.02
N SER B 126 -11.62 -11.18 -9.53
N SER B 126 -11.62 -11.17 -9.52
CA SER B 126 -10.84 -10.04 -9.99
CA SER B 126 -10.89 -10.07 -10.13
C SER B 126 -11.49 -9.36 -11.20
C SER B 126 -11.46 -9.75 -11.51
N ASN B 127 -12.18 -10.16 -12.02
N ASN B 127 -12.35 -10.61 -12.00
CA ASN B 127 -12.87 -9.66 -13.20
CA ASN B 127 -13.10 -10.33 -13.21
C ASN B 127 -14.35 -9.37 -12.95
C ASN B 127 -14.50 -9.79 -12.92
N PHE B 128 -14.72 -9.38 -11.67
CA PHE B 128 -16.07 -8.98 -11.22
C PHE B 128 -17.12 -10.03 -11.51
N ASN B 129 -16.68 -11.27 -11.69
CA ASN B 129 -17.60 -12.39 -11.83
C ASN B 129 -18.03 -12.95 -10.48
N LEU B 130 -19.30 -13.33 -10.38
CA LEU B 130 -19.85 -13.80 -9.11
C LEU B 130 -19.26 -15.16 -8.74
N GLN B 131 -18.59 -15.21 -7.60
CA GLN B 131 -18.10 -16.47 -7.02
C GLN B 131 -19.10 -17.07 -6.03
N ARG B 132 -19.70 -16.23 -5.20
CA ARG B 132 -20.65 -16.69 -4.21
C ARG B 132 -21.63 -15.56 -3.96
N GLU B 133 -22.91 -15.89 -3.94
CA GLU B 133 -23.91 -14.98 -3.39
C GLU B 133 -24.42 -15.48 -2.05
N ILE B 134 -24.33 -14.62 -1.04
CA ILE B 134 -24.96 -14.88 0.24
C ILE B 134 -26.32 -14.21 0.28
N ASP B 135 -27.35 -14.97 -0.07
CA ASP B 135 -28.72 -14.46 -0.07
C ASP B 135 -29.22 -14.40 1.36
N GLN B 136 -29.89 -13.31 1.71
CA GLN B 136 -30.45 -13.14 3.04
CA GLN B 136 -30.46 -13.20 3.04
C GLN B 136 -29.35 -13.16 4.10
N ALA B 137 -28.19 -12.61 3.77
CA ALA B 137 -27.13 -12.48 4.78
C ALA B 137 -27.68 -11.70 5.96
N HIS B 138 -28.48 -10.69 5.67
CA HIS B 138 -29.24 -9.95 6.67
C HIS B 138 -30.65 -9.80 6.14
N VAL B 139 -31.59 -9.51 7.03
CA VAL B 139 -32.99 -9.41 6.63
C VAL B 139 -33.29 -8.08 5.95
N SER B 140 -32.35 -7.14 6.03
CA SER B 140 -32.51 -5.80 5.45
C SER B 140 -31.17 -5.20 5.03
N GLU B 141 -31.22 -3.98 4.52
CA GLU B 141 -30.10 -3.34 3.83
C GLU B 141 -28.76 -3.54 4.52
N ILE B 142 -27.76 -3.96 3.75
CA ILE B 142 -26.38 -3.95 4.20
C ILE B 142 -25.81 -2.54 4.17
N THR B 143 -25.44 -2.02 5.34
CA THR B 143 -24.95 -0.66 5.45
C THR B 143 -23.45 -0.52 5.25
N LYS B 144 -22.72 -1.60 5.52
CA LYS B 144 -21.28 -1.55 5.47
C LYS B 144 -20.73 -2.96 5.33
N LEU B 145 -19.62 -3.07 4.61
CA LEU B 145 -18.91 -4.35 4.48
C LEU B 145 -17.43 -4.04 4.60
N LYS B 146 -16.72 -4.86 5.38
CA LYS B 146 -15.26 -4.78 5.43
C LYS B 146 -14.65 -6.18 5.37
N PHE B 147 -13.63 -6.34 4.54
CA PHE B 147 -12.72 -7.51 4.65
C PHE B 147 -11.83 -7.33 5.85
N PHE B 148 -11.62 -8.42 6.59
CA PHE B 148 -10.51 -8.46 7.52
C PHE B 148 -9.23 -8.48 6.69
N PRO B 149 -8.13 -8.00 7.27
CA PRO B 149 -6.84 -7.92 6.58
C PRO B 149 -6.34 -9.24 5.99
N SER B 150 -6.76 -10.36 6.56
CA SER B 150 -6.43 -11.68 6.02
C SER B 150 -7.07 -11.94 4.65
N GLY B 151 -8.18 -11.25 4.38
CA GLY B 151 -8.98 -11.52 3.19
C GLY B 151 -9.74 -12.85 3.25
N GLU B 152 -9.68 -13.53 4.39
CA GLU B 152 -10.36 -14.82 4.51
CA GLU B 152 -10.33 -14.84 4.57
C GLU B 152 -11.71 -14.70 5.21
N ALA B 153 -11.98 -13.53 5.78
CA ALA B 153 -13.24 -13.30 6.47
C ALA B 153 -13.70 -11.90 6.14
N LEU B 154 -15.00 -11.66 6.31
CA LEU B 154 -15.53 -10.32 6.15
C LEU B 154 -16.58 -10.07 7.23
N ILE B 155 -16.92 -8.81 7.44
CA ILE B 155 -17.93 -8.47 8.42
C ILE B 155 -18.92 -7.51 7.78
N SER B 156 -20.19 -7.72 8.08
CA SER B 156 -21.26 -6.95 7.46
C SER B 156 -22.09 -6.29 8.57
N SER B 157 -22.65 -5.13 8.27
CA SER B 157 -23.58 -4.49 9.20
C SER B 157 -24.87 -4.16 8.46
N SER B 158 -25.96 -4.04 9.19
CA SER B 158 -27.27 -3.98 8.57
C SER B 158 -28.24 -3.07 9.33
N GLN B 159 -29.26 -2.59 8.62
CA GLN B 159 -30.43 -2.00 9.25
C GLN B 159 -31.12 -2.95 10.23
N ASP B 160 -30.83 -4.26 10.14
CA ASP B 160 -31.43 -5.24 11.06
C ASP B 160 -30.76 -5.22 12.43
N MET B 161 -29.84 -4.29 12.61
CA MET B 161 -29.28 -3.97 13.93
C MET B 161 -28.13 -4.88 14.34
N GLN B 162 -27.73 -5.78 13.44
CA GLN B 162 -26.71 -6.78 13.75
C GLN B 162 -25.47 -6.60 12.89
N LEU B 163 -24.35 -7.12 13.35
CA LEU B 163 -23.21 -7.42 12.47
C LEU B 163 -23.01 -8.92 12.38
N LYS B 164 -22.51 -9.37 11.24
CA LYS B 164 -22.22 -10.78 11.03
CA LYS B 164 -22.22 -10.78 11.03
C LYS B 164 -20.84 -10.95 10.45
N ILE B 165 -20.13 -11.96 10.92
CA ILE B 165 -18.83 -12.30 10.35
C ILE B 165 -19.00 -13.52 9.45
N TRP B 166 -18.40 -13.45 8.26
CA TRP B 166 -18.57 -14.50 7.26
C TRP B 166 -17.22 -15.05 6.87
N SER B 167 -17.16 -16.37 6.69
CA SER B 167 -16.02 -17.02 6.06
C SER B 167 -16.13 -16.98 4.54
N VAL B 168 -15.05 -16.57 3.88
CA VAL B 168 -14.99 -16.59 2.43
C VAL B 168 -14.87 -18.01 1.87
N LYS B 169 -14.14 -18.87 2.56
CA LYS B 169 -14.01 -20.27 2.15
C LYS B 169 -15.36 -20.89 1.79
N ASP B 170 -16.31 -20.81 2.70
CA ASP B 170 -17.50 -21.66 2.63
C ASP B 170 -18.80 -20.88 2.85
N GLY B 171 -18.66 -19.56 3.00
CA GLY B 171 -19.82 -18.70 3.16
C GLY B 171 -20.54 -18.89 4.49
N SER B 172 -19.89 -19.53 5.45
CA SER B 172 -20.51 -19.75 6.75
C SER B 172 -20.52 -18.47 7.57
N ASN B 173 -21.31 -18.48 8.63
CA ASN B 173 -21.48 -17.31 9.48
C ASN B 173 -21.17 -17.66 10.93
N PRO B 174 -19.87 -17.69 11.28
CA PRO B 174 -19.47 -18.21 12.58
C PRO B 174 -19.77 -17.27 13.74
N ARG B 175 -19.93 -15.99 13.46
CA ARG B 175 -20.22 -15.03 14.52
C ARG B 175 -21.32 -14.04 14.14
N THR B 176 -22.23 -13.79 15.08
CA THR B 176 -23.22 -12.73 14.93
C THR B 176 -23.16 -11.79 16.13
N LEU B 177 -22.99 -10.50 15.85
CA LEU B 177 -22.76 -9.51 16.90
C LEU B 177 -24.07 -8.80 17.19
N ILE B 178 -24.67 -9.14 18.33
CA ILE B 178 -26.00 -8.66 18.67
CA ILE B 178 -25.99 -8.63 18.66
C ILE B 178 -25.92 -7.74 19.89
N GLY B 179 -26.56 -6.58 19.80
CA GLY B 179 -26.60 -5.65 20.93
C GLY B 179 -27.14 -4.27 20.59
N HIS B 180 -26.81 -3.78 19.39
CA HIS B 180 -27.30 -2.47 18.95
C HIS B 180 -28.83 -2.42 18.90
N ARG B 181 -29.37 -1.24 19.15
CA ARG B 181 -30.83 -1.06 19.24
C ARG B 181 -31.40 -0.23 18.09
N ALA B 182 -30.57 0.04 17.09
CA ALA B 182 -31.01 0.62 15.84
C ALA B 182 -30.04 0.23 14.73
N THR B 183 -30.30 0.71 13.52
CA THR B 183 -29.39 0.50 12.39
C THR B 183 -27.92 0.62 12.77
N VAL B 184 -27.14 -0.36 12.34
CA VAL B 184 -25.70 -0.25 12.43
C VAL B 184 -25.21 0.42 11.15
N THR B 185 -24.42 1.49 11.30
CA THR B 185 -24.10 2.39 10.19
C THR B 185 -22.67 2.28 9.70
N ASP B 186 -21.77 1.77 10.54
CA ASP B 186 -20.36 1.69 10.14
C ASP B 186 -19.60 0.68 10.95
N ILE B 187 -18.41 0.35 10.45
CA ILE B 187 -17.57 -0.69 11.02
C ILE B 187 -16.13 -0.19 10.91
N ALA B 188 -15.31 -0.45 11.94
CA ALA B 188 -13.86 -0.32 11.85
C ALA B 188 -13.20 -1.55 12.43
N ILE B 189 -12.16 -2.03 11.74
CA ILE B 189 -11.43 -3.20 12.18
C ILE B 189 -10.15 -2.76 12.88
N ILE B 190 -9.90 -3.29 14.06
CA ILE B 190 -8.71 -2.93 14.82
C ILE B 190 -7.62 -3.94 14.54
N ASP B 191 -6.51 -3.48 13.98
CA ASP B 191 -5.37 -4.37 13.67
C ASP B 191 -5.84 -5.57 12.84
N ARG B 192 -5.57 -6.79 13.29
CA ARG B 192 -5.97 -7.98 12.54
CA ARG B 192 -5.99 -7.94 12.51
C ARG B 192 -7.46 -8.33 12.72
N GLY B 193 -8.12 -7.64 13.63
CA GLY B 193 -9.56 -7.75 13.71
C GLY B 193 -10.06 -8.67 14.82
N ARG B 194 -9.18 -9.05 15.75
CA ARG B 194 -9.67 -9.70 16.96
C ARG B 194 -10.66 -8.82 17.74
N ASN B 195 -10.49 -7.51 17.65
CA ASN B 195 -11.53 -6.55 18.06
C ASN B 195 -12.04 -5.80 16.84
N VAL B 196 -13.32 -5.44 16.86
CA VAL B 196 -13.86 -4.54 15.83
C VAL B 196 -14.75 -3.51 16.52
N LEU B 197 -14.98 -2.40 15.85
CA LEU B 197 -15.90 -1.38 16.35
C LEU B 197 -17.07 -1.24 15.41
N SER B 198 -18.25 -0.98 15.97
CA SER B 198 -19.42 -0.67 15.16
C SER B 198 -20.03 0.62 15.66
N ALA B 199 -20.71 1.31 14.75
CA ALA B 199 -21.43 2.53 15.11
C ALA B 199 -22.90 2.35 14.78
N SER B 200 -23.77 3.09 15.48
CA SER B 200 -25.20 2.90 15.26
C SER B 200 -25.97 4.21 15.42
N LEU B 201 -27.12 4.28 14.74
CA LEU B 201 -28.08 5.35 14.98
C LEU B 201 -28.67 5.33 16.40
N ASP B 202 -28.37 4.28 17.16
CA ASP B 202 -28.77 4.24 18.57
C ASP B 202 -27.91 5.15 19.46
N GLY B 203 -26.90 5.79 18.87
CA GLY B 203 -26.06 6.75 19.57
C GLY B 203 -24.76 6.20 20.09
N THR B 204 -24.51 4.91 19.87
CA THR B 204 -23.35 4.28 20.47
C THR B 204 -22.34 3.75 19.46
N ILE B 205 -21.13 3.62 19.96
CA ILE B 205 -20.11 2.83 19.27
C ILE B 205 -19.76 1.67 20.19
N ARG B 206 -19.81 0.46 19.65
CA ARG B 206 -19.54 -0.71 20.48
CA ARG B 206 -19.54 -0.71 20.47
C ARG B 206 -18.21 -1.29 20.06
N LEU B 207 -17.39 -1.66 21.05
CA LEU B 207 -16.14 -2.38 20.81
C LEU B 207 -16.41 -3.85 21.11
N TRP B 208 -16.16 -4.71 20.13
CA TRP B 208 -16.51 -6.09 20.24
C TRP B 208 -15.23 -6.91 20.31
N GLU B 209 -15.33 -8.06 20.95
CA GLU B 209 -14.32 -9.11 20.74
C GLU B 209 -14.90 -10.23 19.93
N CYS B 210 -14.23 -10.60 18.86
CA CYS B 210 -14.82 -11.51 17.91
C CYS B 210 -14.69 -12.96 18.33
N GLY B 211 -13.85 -13.22 19.33
CA GLY B 211 -13.71 -14.56 19.87
C GLY B 211 -15.01 -15.16 20.37
N THR B 212 -15.70 -14.44 21.24
CA THR B 212 -16.99 -14.94 21.67
C THR B 212 -18.12 -14.03 21.23
N GLY B 213 -17.78 -12.93 20.55
CA GLY B 213 -18.77 -12.11 19.89
C GLY B 213 -19.52 -11.18 20.82
N THR B 214 -18.89 -10.82 21.92
CA THR B 214 -19.50 -9.95 22.90
C THR B 214 -19.00 -8.52 22.80
N THR B 215 -19.81 -7.58 23.29
CA THR B 215 -19.37 -6.21 23.44
C THR B 215 -18.60 -6.04 24.74
N ILE B 216 -17.43 -5.44 24.65
CA ILE B 216 -16.64 -5.24 25.85
C ILE B 216 -16.61 -3.80 26.31
N HIS B 217 -17.06 -2.88 25.45
CA HIS B 217 -17.25 -1.50 25.86
C HIS B 217 -18.20 -0.80 24.91
N THR B 218 -18.95 0.16 25.46
CA THR B 218 -19.81 1.01 24.65
C THR B 218 -19.39 2.46 24.87
N PHE B 219 -19.13 3.16 23.78
CA PHE B 219 -18.78 4.59 23.81
C PHE B 219 -20.01 5.41 23.40
N ASN B 220 -20.22 6.53 24.08
CA ASN B 220 -21.20 7.51 23.60
C ASN B 220 -20.93 8.90 24.15
N ARG B 221 -21.68 9.88 23.67
CA ARG B 221 -21.56 11.24 24.19
C ARG B 221 -22.27 11.28 25.53
N LYS B 222 -21.56 11.67 26.58
CA LYS B 222 -22.07 11.47 27.93
C LYS B 222 -23.30 12.35 28.20
N GLU B 223 -23.38 13.50 27.54
CA GLU B 223 -24.54 14.36 27.72
C GLU B 223 -25.53 14.26 26.57
N ASN B 224 -25.18 13.46 25.57
CA ASN B 224 -26.08 13.18 24.46
C ASN B 224 -26.07 11.69 24.04
N PRO B 225 -26.50 10.81 24.95
CA PRO B 225 -26.31 9.39 24.72
C PRO B 225 -27.00 8.85 23.47
N HIS B 226 -28.07 9.52 23.01
CA HIS B 226 -28.84 8.99 21.88
C HIS B 226 -28.60 9.73 20.56
N ASP B 227 -27.60 10.61 20.55
CA ASP B 227 -27.15 11.28 19.33
C ASP B 227 -26.50 10.30 18.34
N GLY B 228 -27.25 9.95 17.28
CA GLY B 228 -26.87 8.85 16.39
C GLY B 228 -25.49 9.03 15.77
N VAL B 229 -24.84 7.91 15.48
CA VAL B 229 -23.56 7.95 14.78
C VAL B 229 -23.73 7.46 13.34
N ASN B 230 -23.28 8.29 12.39
CA ASN B 230 -23.37 7.98 10.97
C ASN B 230 -22.12 7.32 10.42
N SER B 231 -20.98 7.59 11.06
CA SER B 231 -19.68 7.30 10.41
C SER B 231 -18.61 7.28 11.48
N ILE B 232 -17.70 6.31 11.36
CA ILE B 232 -16.56 6.25 12.25
C ILE B 232 -15.28 5.99 11.46
N ALA B 233 -14.16 6.40 12.02
CA ALA B 233 -12.85 6.01 11.47
C ALA B 233 -11.91 5.69 12.62
N LEU B 234 -11.01 4.73 12.38
CA LEU B 234 -10.09 4.28 13.40
C LEU B 234 -8.72 4.77 12.96
N PHE B 235 -7.96 5.33 13.89
CA PHE B 235 -6.61 5.76 13.56
C PHE B 235 -5.66 5.54 14.72
N VAL B 236 -4.37 5.48 14.38
CA VAL B 236 -3.35 5.53 15.40
C VAL B 236 -2.98 6.95 15.76
N GLY B 237 -3.07 7.27 17.05
CA GLY B 237 -2.84 8.60 17.55
C GLY B 237 -1.41 9.06 17.34
N THR B 238 -1.26 10.34 17.02
CA THR B 238 0.05 10.99 17.05
C THR B 238 0.39 11.47 18.45
N ASP B 239 1.42 10.88 19.03
CA ASP B 239 1.77 11.08 20.44
C ASP B 239 3.14 11.74 20.55
N ARG B 240 3.40 12.39 21.68
CA ARG B 240 4.77 12.71 22.07
C ARG B 240 5.55 11.49 22.60
N GLN B 241 4.84 10.40 22.89
CA GLN B 241 5.47 9.15 23.34
C GLN B 241 5.61 8.15 22.18
N LEU B 242 6.57 7.24 22.29
CA LEU B 242 6.65 6.10 21.40
C LEU B 242 5.78 4.96 21.92
N HIS B 243 4.69 4.67 21.21
CA HIS B 243 3.80 3.58 21.59
C HIS B 243 4.55 2.24 21.62
N GLU B 244 5.56 2.12 20.77
CA GLU B 244 6.25 0.84 20.60
C GLU B 244 6.91 0.35 21.89
N ILE B 245 7.37 1.26 22.72
CA ILE B 245 8.06 0.88 23.95
C ILE B 245 7.18 1.01 25.20
N SER B 246 5.86 1.10 24.98
CA SER B 246 4.91 1.07 26.10
C SER B 246 5.01 -0.17 26.97
N THR B 247 4.84 0.04 28.27
CA THR B 247 4.75 -1.03 29.26
C THR B 247 3.33 -1.17 29.81
N SER B 248 2.35 -0.64 29.08
CA SER B 248 0.95 -0.84 29.43
C SER B 248 0.62 -2.33 29.43
N LYS B 249 -0.20 -2.73 30.40
CA LYS B 249 -0.75 -4.08 30.43
C LYS B 249 -1.89 -4.20 29.43
N LYS B 250 -2.26 -5.43 29.11
CA LYS B 250 -3.41 -5.67 28.23
C LYS B 250 -4.72 -5.57 29.01
N ASN B 251 -5.70 -4.91 28.41
CA ASN B 251 -7.08 -5.00 28.89
C ASN B 251 -7.66 -6.36 28.52
N ASN B 252 -8.49 -6.90 29.41
CA ASN B 252 -9.24 -8.11 29.14
C ASN B 252 -9.91 -8.11 27.76
N LEU B 253 -9.62 -9.14 26.97
CA LEU B 253 -10.25 -9.36 25.68
C LEU B 253 -9.99 -8.26 24.67
N GLU B 254 -9.00 -7.41 24.95
CA GLU B 254 -8.58 -6.38 24.00
C GLU B 254 -7.28 -6.75 23.31
N PHE B 255 -7.26 -6.53 21.98
CA PHE B 255 -6.10 -6.88 21.17
C PHE B 255 -5.72 -5.72 20.26
N GLY B 256 -4.61 -5.06 20.58
CA GLY B 256 -4.12 -3.94 19.79
C GLY B 256 -4.89 -2.64 19.92
N THR B 257 -5.58 -2.45 21.05
CA THR B 257 -6.30 -1.19 21.27
C THR B 257 -5.41 -0.02 21.69
N TYR B 258 -4.26 -0.33 22.30
CA TYR B 258 -3.34 0.67 22.80
C TYR B 258 -2.86 1.58 21.67
N GLY B 259 -3.15 2.87 21.79
CA GLY B 259 -2.71 3.82 20.79
C GLY B 259 -3.77 4.11 19.74
N LYS B 260 -4.89 3.39 19.79
CA LYS B 260 -5.97 3.56 18.81
C LYS B 260 -6.99 4.57 19.31
N TYR B 261 -7.53 5.32 18.36
CA TYR B 261 -8.61 6.27 18.63
C TYR B 261 -9.71 6.04 17.59
N VAL B 262 -10.96 6.25 18.02
CA VAL B 262 -12.04 6.19 17.07
C VAL B 262 -12.71 7.56 16.98
N ILE B 263 -12.89 8.03 15.77
CA ILE B 263 -13.53 9.32 15.54
C ILE B 263 -14.92 9.08 14.96
N ALA B 264 -15.90 9.86 15.42
CA ALA B 264 -17.30 9.53 15.16
C ALA B 264 -18.03 10.77 14.70
N GLY B 265 -18.73 10.67 13.56
CA GLY B 265 -19.55 11.76 13.05
C GLY B 265 -21.00 11.53 13.43
N HIS B 266 -21.60 12.52 14.11
CA HIS B 266 -22.94 12.36 14.68
C HIS B 266 -24.01 13.07 13.86
N VAL B 267 -25.25 12.66 14.08
CA VAL B 267 -26.42 13.26 13.44
C VAL B 267 -26.55 14.75 13.82
N SER B 268 -26.16 15.06 15.06
CA SER B 268 -26.02 16.44 15.53
C SER B 268 -25.07 17.29 14.70
N GLY B 269 -24.14 16.62 14.03
CA GLY B 269 -23.06 17.34 13.38
C GLY B 269 -21.77 17.42 14.20
N VAL B 270 -21.85 17.11 15.49
CA VAL B 270 -20.66 17.06 16.33
CA VAL B 270 -20.65 17.06 16.32
C VAL B 270 -19.82 15.86 15.91
N ILE B 271 -18.51 16.03 16.02
CA ILE B 271 -17.60 14.90 15.78
C ILE B 271 -16.86 14.62 17.09
N THR B 272 -16.86 13.37 17.56
CA THR B 272 -16.24 13.07 18.82
C THR B 272 -15.07 12.10 18.60
N VAL B 273 -14.04 12.24 19.42
CA VAL B 273 -12.92 11.27 19.38
C VAL B 273 -12.84 10.54 20.72
N HIS B 274 -12.72 9.22 20.67
CA HIS B 274 -12.52 8.44 21.89
C HIS B 274 -11.20 7.69 21.79
N ASN B 275 -10.50 7.63 22.91
CA ASN B 275 -9.32 6.76 23.06
C ASN B 275 -9.82 5.34 23.30
N VAL B 276 -9.52 4.43 22.39
CA VAL B 276 -10.07 3.07 22.45
C VAL B 276 -9.51 2.33 23.67
N PHE B 277 -8.27 2.61 24.02
CA PHE B 277 -7.64 1.95 25.16
C PHE B 277 -8.12 2.46 26.52
N SER B 278 -8.06 3.78 26.70
CA SER B 278 -8.38 4.37 28.00
C SER B 278 -9.88 4.59 28.15
N LYS B 279 -10.59 4.57 27.04
CA LYS B 279 -12.05 4.83 26.97
C LYS B 279 -12.48 6.30 27.06
N GLU B 280 -11.53 7.21 27.27
CA GLU B 280 -11.85 8.63 27.43
C GLU B 280 -12.30 9.26 26.11
N GLN B 281 -13.33 10.12 26.16
CA GLN B 281 -13.54 11.06 25.07
C GLN B 281 -12.55 12.22 25.17
N THR B 282 -11.72 12.37 24.14
CA THR B 282 -10.57 13.26 24.23
C THR B 282 -10.77 14.56 23.47
N ILE B 283 -11.57 14.51 22.41
CA ILE B 283 -11.85 15.70 21.60
C ILE B 283 -13.32 15.75 21.18
N GLN B 284 -13.88 16.95 21.09
CA GLN B 284 -15.17 17.16 20.42
C GLN B 284 -15.05 18.32 19.43
N LEU B 285 -15.42 18.07 18.19
CA LEU B 285 -15.40 19.10 17.15
C LEU B 285 -16.83 19.63 17.06
N PRO B 286 -16.98 20.94 17.13
CA PRO B 286 -18.36 21.47 17.18
C PRO B 286 -19.13 21.32 15.86
N SER B 287 -20.46 21.30 15.94
CA SER B 287 -21.30 21.26 14.76
CA SER B 287 -21.30 21.27 14.76
C SER B 287 -21.42 22.65 14.14
N LYS B 288 -20.34 23.11 13.51
CA LYS B 288 -20.23 24.49 13.04
CA LYS B 288 -20.23 24.48 13.03
C LYS B 288 -21.26 24.77 11.95
N PHE B 289 -21.66 23.71 11.23
CA PHE B 289 -22.53 23.86 10.07
C PHE B 289 -23.96 23.46 10.39
N THR B 290 -24.21 23.23 11.67
CA THR B 290 -25.56 23.01 12.20
C THR B 290 -26.37 21.98 11.42
N CYS B 291 -25.73 20.88 11.05
CA CYS B 291 -26.42 19.77 10.44
C CYS B 291 -25.56 18.51 10.55
N SER B 292 -26.10 17.40 10.06
CA SER B 292 -25.53 16.10 10.33
C SER B 292 -24.16 15.97 9.66
N CYS B 293 -23.23 15.39 10.38
CA CYS B 293 -22.03 14.86 9.74
C CYS B 293 -22.32 13.46 9.22
N ASN B 294 -22.38 13.33 7.90
CA ASN B 294 -22.81 12.08 7.28
C ASN B 294 -21.65 11.12 7.08
N SER B 295 -20.45 11.66 6.97
CA SER B 295 -19.29 10.82 6.62
C SER B 295 -18.00 11.52 6.99
N LEU B 296 -17.02 10.75 7.47
CA LEU B 296 -15.72 11.34 7.67
C LEU B 296 -14.63 10.30 7.43
N THR B 297 -13.41 10.79 7.35
CA THR B 297 -12.27 9.94 6.96
C THR B 297 -11.00 10.62 7.46
N VAL B 298 -9.98 9.82 7.75
CA VAL B 298 -8.73 10.36 8.28
C VAL B 298 -7.72 10.46 7.15
N ASP B 299 -6.90 11.52 7.17
CA ASP B 299 -5.86 11.66 6.18
C ASP B 299 -4.87 10.49 6.39
N GLY B 300 -4.65 9.70 5.34
CA GLY B 300 -3.87 8.47 5.46
C GLY B 300 -2.39 8.74 5.63
N ASN B 301 -1.98 9.98 5.39
CA ASN B 301 -0.60 10.39 5.57
C ASN B 301 -0.34 11.15 6.87
N ASN B 302 -1.37 11.83 7.38
CA ASN B 302 -1.20 12.62 8.58
C ASN B 302 -2.46 12.60 9.44
N ALA B 303 -2.45 11.78 10.49
CA ALA B 303 -3.66 11.53 11.25
C ALA B 303 -4.05 12.64 12.22
N ASN B 304 -3.35 13.77 12.15
CA ASN B 304 -3.86 15.01 12.76
C ASN B 304 -5.04 15.58 11.99
N TYR B 305 -5.19 15.16 10.73
CA TYR B 305 -6.17 15.77 9.83
C TYR B 305 -7.29 14.83 9.45
N ILE B 306 -8.51 15.35 9.50
CA ILE B 306 -9.64 14.56 9.11
C ILE B 306 -10.52 15.41 8.18
N TYR B 307 -11.26 14.72 7.32
CA TYR B 307 -12.15 15.35 6.36
C TYR B 307 -13.55 14.88 6.67
N ALA B 308 -14.50 15.82 6.71
CA ALA B 308 -15.87 15.49 7.13
C ALA B 308 -16.86 16.12 6.16
N GLY B 309 -17.88 15.34 5.80
CA GLY B 309 -18.92 15.79 4.88
C GLY B 309 -20.23 15.95 5.62
N TYR B 310 -20.96 17.01 5.29
CA TYR B 310 -22.16 17.35 6.07
C TYR B 310 -23.40 17.40 5.19
N GLU B 311 -24.56 17.40 5.86
CA GLU B 311 -25.85 17.21 5.19
C GLU B 311 -26.19 18.38 4.27
N ASN B 312 -25.58 19.54 4.51
CA ASN B 312 -25.85 20.74 3.70
C ASN B 312 -24.83 21.00 2.58
N GLY B 313 -23.91 20.06 2.39
CA GLY B 313 -22.96 20.16 1.29
C GLY B 313 -21.61 20.74 1.67
N MET B 314 -21.43 21.09 2.93
CA MET B 314 -20.10 21.51 3.42
C MET B 314 -19.16 20.32 3.51
N LEU B 315 -17.97 20.48 2.94
CA LEU B 315 -16.82 19.60 3.22
C LEU B 315 -15.81 20.36 4.07
N ALA B 316 -15.47 19.82 5.23
CA ALA B 316 -14.54 20.51 6.11
C ALA B 316 -13.29 19.67 6.34
N GLN B 317 -12.16 20.35 6.46
CA GLN B 317 -10.94 19.72 6.94
C GLN B 317 -10.63 20.21 8.35
N TRP B 318 -10.51 19.27 9.27
CA TRP B 318 -10.25 19.59 10.66
C TRP B 318 -8.84 19.14 11.01
N ASP B 319 -8.12 19.97 11.75
CA ASP B 319 -6.95 19.53 12.52
C ASP B 319 -7.36 19.21 13.95
N LEU B 320 -7.10 17.97 14.37
CA LEU B 320 -7.59 17.49 15.66
C LEU B 320 -6.94 18.20 16.85
N ARG B 321 -5.83 18.87 16.58
CA ARG B 321 -5.10 19.60 17.61
C ARG B 321 -5.74 20.96 17.81
N SER B 322 -6.58 21.34 16.86
CA SER B 322 -7.25 22.64 16.89
CA SER B 322 -7.25 22.65 16.88
C SER B 322 -8.74 22.47 16.72
N PRO B 323 -9.39 21.86 17.72
CA PRO B 323 -10.75 21.34 17.56
C PRO B 323 -11.78 22.46 17.43
N GLU B 324 -11.34 23.71 17.60
N GLU B 324 -11.36 23.70 17.66
CA GLU B 324 -12.25 24.84 17.77
CA GLU B 324 -12.29 24.82 17.75
C GLU B 324 -12.76 25.43 16.45
C GLU B 324 -12.88 25.18 16.39
N CYS B 325 -12.05 25.17 15.35
CA CYS B 325 -12.42 25.70 14.04
C CYS B 325 -11.78 24.84 12.94
N PRO B 326 -12.53 24.54 11.86
CA PRO B 326 -11.90 23.81 10.75
C PRO B 326 -10.74 24.60 10.17
N VAL B 327 -9.75 23.90 9.61
CA VAL B 327 -8.68 24.57 8.86
C VAL B 327 -8.99 24.73 7.37
N GLY B 328 -10.01 24.06 6.89
CA GLY B 328 -10.51 24.30 5.54
C GLY B 328 -11.98 24.01 5.43
N GLU B 329 -12.67 24.81 4.61
CA GLU B 329 -14.10 24.68 4.43
C GLU B 329 -14.42 24.85 2.96
N PHE B 330 -15.11 23.87 2.38
CA PHE B 330 -15.40 23.87 0.95
C PHE B 330 -16.85 23.50 0.69
N LEU B 331 -17.58 24.40 0.03
CA LEU B 331 -18.96 24.10 -0.32
C LEU B 331 -19.05 23.33 -1.63
N ILE B 332 -19.77 22.22 -1.59
CA ILE B 332 -20.09 21.46 -2.80
C ILE B 332 -21.61 21.36 -2.96
N ASN B 333 -22.15 22.02 -3.99
CA ASN B 333 -23.61 22.07 -4.15
C ASN B 333 -24.35 22.36 -2.85
N GLU B 334 -24.02 23.48 -2.19
CA GLU B 334 -24.64 23.83 -0.92
C GLU B 334 -26.16 23.64 -0.94
N GLY B 335 -26.68 22.97 0.07
CA GLY B 335 -28.10 22.61 0.11
C GLY B 335 -28.42 21.21 -0.40
N THR B 336 -27.40 20.46 -0.78
CA THR B 336 -27.57 19.03 -1.03
C THR B 336 -26.44 18.30 -0.30
N PRO B 337 -26.71 17.06 0.14
CA PRO B 337 -25.87 16.43 1.13
C PRO B 337 -24.58 15.89 0.51
N ILE B 338 -23.51 15.96 1.28
CA ILE B 338 -22.39 15.05 1.01
C ILE B 338 -22.76 13.72 1.64
N ASN B 339 -22.73 12.65 0.83
CA ASN B 339 -23.09 11.28 1.26
C ASN B 339 -21.89 10.49 1.80
N ASN B 340 -20.71 10.71 1.21
CA ASN B 340 -19.51 9.89 1.47
CA ASN B 340 -19.54 9.91 1.52
C ASN B 340 -18.28 10.74 1.28
N VAL B 341 -17.33 10.63 2.19
CA VAL B 341 -15.97 11.11 1.99
CA VAL B 341 -15.97 11.08 1.93
C VAL B 341 -15.00 9.95 2.24
N TYR B 342 -13.98 9.82 1.40
CA TYR B 342 -13.11 8.63 1.47
C TYR B 342 -11.71 9.06 1.07
N PHE B 343 -10.74 8.83 1.94
CA PHE B 343 -9.34 9.09 1.60
C PHE B 343 -8.66 7.87 0.98
N ALA B 344 -8.03 8.07 -0.17
CA ALA B 344 -7.10 7.04 -0.70
C ALA B 344 -6.09 7.65 -1.64
N ALA B 345 -4.88 7.09 -1.63
CA ALA B 345 -3.93 7.40 -2.69
C ALA B 345 -3.68 8.91 -2.77
N GLY B 346 -3.59 9.54 -1.60
CA GLY B 346 -3.27 10.97 -1.52
C GLY B 346 -4.37 11.85 -2.08
N ALA B 347 -5.58 11.31 -2.13
CA ALA B 347 -6.72 12.07 -2.65
C ALA B 347 -7.94 11.84 -1.79
N LEU B 348 -8.90 12.76 -1.89
CA LEU B 348 -10.16 12.63 -1.18
C LEU B 348 -11.26 12.37 -2.23
N PHE B 349 -12.03 11.32 -2.03
CA PHE B 349 -13.14 11.02 -2.91
C PHE B 349 -14.44 11.43 -2.21
N VAL B 350 -15.26 12.17 -2.93
CA VAL B 350 -16.47 12.77 -2.31
C VAL B 350 -17.69 12.46 -3.17
N SER B 351 -18.75 11.94 -2.55
CA SER B 351 -20.02 11.75 -3.26
CA SER B 351 -20.00 11.81 -3.28
C SER B 351 -21.03 12.78 -2.72
N SER B 352 -21.71 13.46 -3.62
CA SER B 352 -22.58 14.59 -3.26
C SER B 352 -23.91 14.48 -4.00
N GLY B 353 -24.99 14.79 -3.29
CA GLY B 353 -26.31 14.89 -3.92
C GLY B 353 -26.71 13.64 -4.68
N PHE B 354 -27.45 13.83 -5.77
CA PHE B 354 -28.02 12.69 -6.47
C PHE B 354 -27.02 11.94 -7.36
N ASP B 355 -25.93 12.60 -7.73
CA ASP B 355 -25.17 12.11 -8.88
C ASP B 355 -23.80 12.72 -9.09
N THR B 356 -23.20 13.25 -8.03
CA THR B 356 -21.90 13.91 -8.15
C THR B 356 -20.83 13.06 -7.46
N SER B 357 -19.73 12.82 -8.17
CA SER B 357 -18.64 12.06 -7.57
C SER B 357 -17.33 12.74 -7.97
N ILE B 358 -16.56 13.15 -6.97
CA ILE B 358 -15.40 14.01 -7.17
C ILE B 358 -14.16 13.38 -6.56
N LYS B 359 -13.04 13.49 -7.28
CA LYS B 359 -11.73 13.26 -6.68
C LYS B 359 -11.01 14.58 -6.49
N LEU B 360 -10.63 14.86 -5.24
CA LEU B 360 -9.91 16.09 -4.91
C LEU B 360 -8.50 15.72 -4.50
N ASP B 361 -7.53 16.26 -5.22
CA ASP B 361 -6.14 16.00 -4.89
C ASP B 361 -5.77 16.75 -3.62
N ILE B 362 -4.95 16.12 -2.79
CA ILE B 362 -4.39 16.75 -1.61
CA ILE B 362 -4.40 16.78 -1.61
C ILE B 362 -2.90 16.95 -1.81
N ILE B 363 -2.44 18.18 -1.81
CA ILE B 363 -1.02 18.45 -1.93
C ILE B 363 -0.48 18.93 -0.60
N SER B 364 0.64 18.33 -0.18
CA SER B 364 1.28 18.75 1.06
C SER B 364 2.75 19.03 0.80
N ASP B 365 3.42 19.68 1.76
CA ASP B 365 4.84 19.95 1.63
C ASP B 365 5.65 18.71 2.04
N PRO B 366 6.98 18.76 1.83
CA PRO B 366 7.84 17.60 2.00
C PRO B 366 7.74 17.00 3.40
N GLU B 367 7.22 17.78 4.35
CA GLU B 367 7.08 17.32 5.73
C GLU B 367 5.68 16.78 6.02
N SER B 368 4.91 16.57 4.95
CA SER B 368 3.52 16.13 5.07
C SER B 368 2.64 17.09 5.86
N GLU B 369 3.15 18.29 6.08
CA GLU B 369 2.39 19.33 6.75
C GLU B 369 1.71 20.25 5.73
N ARG B 370 0.70 21.00 6.18
CA ARG B 370 0.10 21.99 5.30
C ARG B 370 -0.64 21.29 4.16
N PRO B 371 -1.20 20.10 4.41
CA PRO B 371 -2.04 19.41 3.42
C PRO B 371 -3.20 20.28 2.96
N ALA B 372 -3.17 20.71 1.71
CA ALA B 372 -4.19 21.56 1.15
C ALA B 372 -4.99 20.79 0.10
N ILE B 373 -6.31 20.94 0.16
CA ILE B 373 -7.19 20.37 -0.86
C ILE B 373 -7.11 21.22 -2.12
N GLU B 374 -6.82 20.59 -3.25
CA GLU B 374 -6.74 21.31 -4.52
C GLU B 374 -8.12 21.64 -5.08
N PHE B 375 -8.80 22.57 -4.44
CA PHE B 375 -10.25 22.74 -4.65
C PHE B 375 -10.58 23.31 -6.03
N GLU B 376 -9.61 23.97 -6.65
CA GLU B 376 -9.84 24.64 -7.93
C GLU B 376 -9.71 23.72 -9.14
N THR B 377 -9.15 22.52 -8.94
CA THR B 377 -9.00 21.57 -10.05
C THR B 377 -9.59 20.20 -9.73
N PRO B 378 -10.89 20.15 -9.47
CA PRO B 378 -11.52 18.87 -9.14
C PRO B 378 -11.55 17.92 -10.32
N THR B 379 -11.44 16.62 -10.06
CA THR B 379 -11.68 15.63 -11.09
C THR B 379 -13.01 14.93 -10.87
N PHE B 380 -13.83 14.87 -11.92
CA PHE B 380 -15.13 14.24 -11.82
C PHE B 380 -15.10 12.84 -12.38
N LEU B 381 -15.59 11.89 -11.60
CA LEU B 381 -15.71 10.51 -12.04
C LEU B 381 -17.02 10.36 -12.81
N VAL B 382 -16.91 10.22 -14.12
CA VAL B 382 -18.07 10.33 -15.02
C VAL B 382 -18.98 9.11 -14.92
N SER B 383 -20.25 9.34 -14.66
CA SER B 383 -21.21 8.26 -14.68
C SER B 383 -22.49 8.72 -15.36
N ASN B 384 -23.44 7.82 -15.53
CA ASN B 384 -24.72 8.17 -16.15
C ASN B 384 -25.69 8.65 -15.07
N ASP B 385 -25.37 9.81 -14.50
CA ASP B 385 -26.07 10.34 -13.32
C ASP B 385 -26.33 9.31 -12.23
N ASP B 386 -25.29 8.56 -11.87
CA ASP B 386 -25.42 7.50 -10.87
C ASP B 386 -25.07 8.04 -9.49
N ALA B 387 -25.79 7.57 -8.48
CA ALA B 387 -25.51 7.96 -7.10
C ALA B 387 -24.49 7.01 -6.51
N VAL B 388 -23.39 7.56 -6.01
CA VAL B 388 -22.39 6.75 -5.29
C VAL B 388 -22.75 6.53 -3.83
N SER B 389 -22.94 5.26 -3.43
CA SER B 389 -23.14 4.92 -2.02
CA SER B 389 -23.12 4.94 -2.02
C SER B 389 -21.81 4.77 -1.27
N GLN B 390 -20.78 4.29 -1.95
CA GLN B 390 -19.51 4.00 -1.29
C GLN B 390 -18.38 3.91 -2.30
N PHE B 391 -17.18 4.30 -1.87
CA PHE B 391 -15.94 4.14 -2.66
C PHE B 391 -15.08 3.05 -2.06
N CYS B 392 -14.16 2.55 -2.88
CA CYS B 392 -13.24 1.55 -2.40
C CYS B 392 -11.97 1.64 -3.24
N TYR B 393 -10.82 1.77 -2.57
CA TYR B 393 -9.54 1.86 -3.28
C TYR B 393 -9.06 0.46 -3.65
N VAL B 394 -8.62 0.31 -4.89
CA VAL B 394 -8.13 -0.98 -5.38
C VAL B 394 -6.66 -0.82 -5.76
N SER B 395 -5.77 -1.43 -5.00
CA SER B 395 -4.36 -1.30 -5.27
CA SER B 395 -4.35 -1.31 -5.26
C SER B 395 -4.01 -2.03 -6.56
N ASP B 396 -2.94 -1.60 -7.20
CA ASP B 396 -2.47 -2.32 -8.37
C ASP B 396 -0.95 -2.27 -8.37
N ASP B 397 -0.34 -3.44 -8.55
CA ASP B 397 1.11 -3.55 -8.62
C ASP B 397 1.62 -2.76 -9.83
N GLU B 398 0.74 -2.58 -10.81
CA GLU B 398 1.14 -2.13 -12.14
C GLU B 398 0.95 -0.62 -12.32
N SER B 399 0.36 0.03 -11.33
CA SER B 399 0.01 1.44 -11.47
C SER B 399 -0.36 2.08 -10.14
N ASN B 400 -0.86 3.31 -10.21
CA ASN B 400 -1.37 4.07 -9.08
C ASN B 400 -2.57 3.43 -8.38
N GLY B 401 -3.15 2.41 -9.01
CA GLY B 401 -4.37 1.82 -8.49
C GLY B 401 -5.62 2.39 -9.11
N GLU B 402 -6.76 2.00 -8.56
CA GLU B 402 -8.06 2.37 -9.08
C GLU B 402 -8.99 2.74 -7.94
N VAL B 403 -10.09 3.38 -8.28
CA VAL B 403 -11.16 3.51 -7.30
C VAL B 403 -12.41 2.85 -7.85
N LEU B 404 -13.06 2.06 -7.01
CA LEU B 404 -14.34 1.44 -7.34
C LEU B 404 -15.47 2.22 -6.66
N GLU B 405 -16.49 2.58 -7.44
CA GLU B 405 -17.73 3.15 -6.89
C GLU B 405 -18.88 2.15 -7.02
N VAL B 406 -19.72 2.07 -5.99
CA VAL B 406 -20.96 1.34 -6.11
C VAL B 406 -22.16 2.20 -5.72
N GLY B 407 -23.31 1.83 -6.23
CA GLY B 407 -24.55 2.46 -5.79
C GLY B 407 -25.80 1.80 -6.33
N LYS B 408 -26.91 2.51 -6.19
CA LYS B 408 -28.20 1.97 -6.60
C LYS B 408 -28.27 1.74 -8.11
N ASN B 409 -29.29 1.00 -8.54
CA ASN B 409 -29.49 0.71 -9.95
C ASN B 409 -28.32 -0.03 -10.57
N ASN B 410 -27.82 -1.02 -9.83
CA ASN B 410 -26.78 -1.91 -10.33
C ASN B 410 -25.55 -1.12 -10.79
N PHE B 411 -25.17 -0.12 -10.00
CA PHE B 411 -24.01 0.72 -10.33
C PHE B 411 -22.76 0.18 -9.66
N CYS B 412 -21.76 -0.17 -10.46
CA CYS B 412 -20.49 -0.66 -9.94
C CYS B 412 -19.41 -0.40 -10.99
N ALA B 413 -18.60 0.63 -10.75
CA ALA B 413 -17.80 1.24 -11.81
C ALA B 413 -16.39 1.47 -11.32
N LEU B 414 -15.42 1.07 -12.13
CA LEU B 414 -14.01 1.18 -11.78
C LEU B 414 -13.35 2.29 -12.58
N TYR B 415 -12.53 3.11 -11.91
CA TYR B 415 -11.86 4.23 -12.54
C TYR B 415 -10.37 4.12 -12.28
N ASN B 416 -9.57 4.43 -13.30
CA ASN B 416 -8.12 4.54 -13.12
C ASN B 416 -7.72 5.84 -12.43
N LEU B 417 -6.69 5.77 -11.59
CA LEU B 417 -6.22 6.96 -10.88
C LEU B 417 -4.94 7.58 -11.46
N SER B 418 -4.23 6.81 -12.26
CA SER B 418 -2.85 7.16 -12.61
C SER B 418 -2.78 8.33 -13.59
N ASN B 419 -1.64 9.02 -13.59
CA ASN B 419 -1.18 9.73 -14.78
C ASN B 419 0.29 9.43 -15.08
#